data_8CBF
#
_entry.id   8CBF
#
_cell.length_a   177.002
_cell.length_b   144.275
_cell.length_c   49.665
_cell.angle_alpha   90.000
_cell.angle_beta   90.000
_cell.angle_gamma   90.000
#
_symmetry.space_group_name_H-M   'P 21 21 2'
#
loop_
_entity.id
_entity.type
_entity.pdbx_description
1 polymer 'Spike protein S1'
2 polymer 'Beta-49 light chain'
3 polymer 'Beta-49 heavy chain'
4 polymer 'Omi-42 light chain'
5 polymer 'Omi-42 heavy chain'
6 branched alpha-D-mannopyranose-(1-2)-alpha-D-mannopyranose-(1-3)-[alpha-D-mannopyranose-(1-6)]beta-D-mannopyranose-(1-4)-2-acetamido-2-deoxy-beta-D-glucopyranose-(1-4)-[alpha-L-fucopyranose-(1-6)]2-acetamido-2-deoxy-beta-D-glucopyranose
7 non-polymer GLYCEROL
8 non-polymer 'SULFATE ION'
9 non-polymer 'CHLORIDE ION'
10 water water
#
loop_
_entity_poly.entity_id
_entity_poly.type
_entity_poly.pdbx_seq_one_letter_code
_entity_poly.pdbx_strand_id
1 'polypeptide(L)'
;HHHHHHTNLCPFGEVFNATRFASVYAWNRKRISNCVADYSVLYNSASFSTFKCYGVSPTKLNDLCFTNVYADSFVIRGDE
VRQIAPGQTGKIADYNYKLPDDFTGCVIAWNSNNLDSKVGGNYNYRYRLFRKSNLKPFERDISTEIYQAGSKPCNGVEGF
NCYFPLQSYGFQPTNGVGYQPYRVVVLSFELLHAPATVCGKK
;
E
2 'polypeptide(L)'
;AIRMTQSPGTLSLSPGERATLSCRASQSVSSSYLAWYQQKPGQAPRLLIYGASSRATGIPDRFSGSGSGTDFTLTISRLE
PEDFAVYYCQQYGTSPSWTFGQGTKVEIKRTVAAPSVFIFPPSDEQLKSGTASVVCLLNNFYPREAKVQWKVDNALQSGN
SQESVTEQDSKDSTYSLSSTLTLSKADYEKHKVYACEVTHQGLSSPVTKSFNRGEC
;
B
3 'polypeptide(L)'
;EVQLVQSGAEVKKPGSSVKVSCKASGGTFSSSVISWVRQAPGQGLEWMGGIIPLFGSANYAQKFQGRVTITADESTSTAY
MEMTSLRSEDTAVYYCAKVSQWALILFWGQGTLVTVSSASTKGPSVFPLAPSSKSTSGGTAALGCLVKDYFPEPVTVSWN
SGALTSGVHTFPAVLQSSGLYSLSSVVTVPSSSLGTQTYICNVNHKPSNTKVDKKVEPKSCDK
;
A
4 'polypeptide(L)'
;QSVVTQPPSASGSLGQSVTISCTGTSSDVGGYNYVSWYQQHPGKAPKLMIFEVSKRPSGVPDRFSGSKSGNTASLTVSGL
QAEDEADYYCSSYAGNKGVFGGGTKLTVLGQPKANPTVTLFPPSSEELQANKATLVCLISDFYPGAVTVAWKADSSPVKA
GVETTTPSKQSNNKYAASSYLSLTPEQWKSHRSYSCQVTHEGSTVEKTVAPTECS
;
L
5 'polypeptide(L)'
;EVQLLETGGGLVQPGRSLRLSCAASGFPFDDYAIHWVRLAPGKGLEWVSSISWDSGSIGYADSVKGRFTISRDNAKNSLY
LQMNSLRAEDTALYYCAKGAFPGYSSGWYYGLDVWGQGATVTVSSASTKGPSVFPLAPSSKSTSGGTAALGCLVKDYFPE
PVTVSWNSGALTSGVHTFPAVLQSSGLYSLSSVVTVPSSSLGTQTYICNVNHKPSNTKVDKRVEPKSCDK
;
H
#
loop_
_chem_comp.id
_chem_comp.type
_chem_comp.name
_chem_comp.formula
BMA D-saccharide, beta linking beta-D-mannopyranose 'C6 H12 O6'
CL non-polymer 'CHLORIDE ION' 'Cl -1'
FUC L-saccharide, alpha linking alpha-L-fucopyranose 'C6 H12 O5'
GOL non-polymer GLYCEROL 'C3 H8 O3'
MAN D-saccharide, alpha linking alpha-D-mannopyranose 'C6 H12 O6'
NAG D-saccharide, beta linking 2-acetamido-2-deoxy-beta-D-glucopyranose 'C8 H15 N O6'
SO4 non-polymer 'SULFATE ION' 'O4 S -2'
#
# COMPACT_ATOMS: atom_id res chain seq x y z
N HIS A 4 -36.42 13.09 -6.91
CA HIS A 4 -36.88 14.26 -7.66
C HIS A 4 -37.27 15.41 -6.74
N HIS A 5 -37.53 15.08 -5.47
CA HIS A 5 -37.73 16.12 -4.46
C HIS A 5 -36.41 16.83 -4.16
N HIS A 6 -35.36 16.06 -3.86
CA HIS A 6 -34.02 16.60 -3.71
C HIS A 6 -33.36 16.59 -5.09
N THR A 7 -33.16 17.77 -5.65
CA THR A 7 -32.69 17.93 -7.03
C THR A 7 -31.15 18.02 -7.12
N ASN A 8 -30.41 17.17 -6.41
CA ASN A 8 -28.97 17.17 -6.47
C ASN A 8 -28.45 15.75 -6.70
N LEU A 9 -27.32 15.66 -7.39
CA LEU A 9 -26.68 14.38 -7.64
C LEU A 9 -25.73 14.08 -6.48
N CYS A 10 -25.87 12.88 -5.91
CA CYS A 10 -25.01 12.49 -4.80
C CYS A 10 -23.56 12.53 -5.26
N PRO A 11 -22.68 13.24 -4.56
CA PRO A 11 -21.27 13.33 -5.00
C PRO A 11 -20.46 12.13 -4.55
N PHE A 12 -20.78 10.97 -5.13
CA PHE A 12 -20.01 9.76 -4.86
C PHE A 12 -18.66 9.76 -5.56
N GLY A 13 -18.44 10.66 -6.51
CA GLY A 13 -17.16 10.66 -7.22
C GLY A 13 -15.99 10.97 -6.31
N GLU A 14 -16.15 11.96 -5.43
CA GLU A 14 -15.03 12.35 -4.58
C GLU A 14 -14.73 11.33 -3.47
N VAL A 15 -15.43 10.19 -3.48
CA VAL A 15 -15.16 9.08 -2.56
C VAL A 15 -14.46 7.93 -3.29
N PHE A 16 -15.11 7.38 -4.33
CA PHE A 16 -14.54 6.25 -5.05
C PHE A 16 -13.36 6.65 -5.95
N ASN A 17 -13.32 7.91 -6.40
CA ASN A 17 -12.45 8.31 -7.50
C ASN A 17 -11.39 9.32 -7.09
N ALA A 18 -11.22 9.55 -5.78
CA ALA A 18 -10.22 10.50 -5.32
C ALA A 18 -8.81 10.05 -5.70
N THR A 19 -7.92 11.03 -5.89
CA THR A 19 -6.53 10.72 -6.18
C THR A 19 -5.90 9.86 -5.10
N ARG A 20 -6.15 10.20 -3.83
CA ARG A 20 -5.51 9.54 -2.70
C ARG A 20 -6.55 9.19 -1.65
N PHE A 21 -6.42 8.03 -1.03
CA PHE A 21 -7.25 7.66 0.10
C PHE A 21 -6.52 7.92 1.40
N ALA A 22 -7.27 7.84 2.50
CA ALA A 22 -6.72 8.01 3.82
C ALA A 22 -6.16 6.69 4.34
N SER A 23 -5.23 6.79 5.29
CA SER A 23 -4.79 5.61 6.02
C SER A 23 -5.93 5.06 6.86
N VAL A 24 -5.95 3.74 7.03
CA VAL A 24 -7.09 3.10 7.66
C VAL A 24 -7.29 3.62 9.08
N TYR A 25 -6.20 3.87 9.81
CA TYR A 25 -6.34 4.36 11.18
C TYR A 25 -7.06 5.71 11.23
N ALA A 26 -6.91 6.51 10.18
CA ALA A 26 -7.58 7.81 10.08
C ALA A 26 -8.58 7.80 8.93
N TRP A 27 -9.49 6.81 8.94
CA TRP A 27 -10.37 6.59 7.80
C TRP A 27 -11.30 7.79 7.59
N ASN A 28 -11.54 8.10 6.33
CA ASN A 28 -12.38 9.22 5.97
C ASN A 28 -13.85 8.80 6.01
N ARG A 29 -14.71 9.74 6.39
CA ARG A 29 -16.15 9.54 6.32
C ARG A 29 -16.78 10.75 5.65
N LYS A 30 -17.59 10.50 4.63
CA LYS A 30 -18.39 11.53 4.00
C LYS A 30 -19.86 11.20 4.20
N ARG A 31 -20.61 12.19 4.66
CA ARG A 31 -22.05 12.04 4.83
C ARG A 31 -22.76 12.41 3.53
N ILE A 32 -23.59 11.49 3.04
CA ILE A 32 -24.35 11.68 1.81
C ILE A 32 -25.82 11.87 2.20
N SER A 33 -26.39 13.01 1.83
CA SER A 33 -27.75 13.32 2.24
C SER A 33 -28.43 14.11 1.13
N ASN A 34 -29.77 14.09 1.17
CA ASN A 34 -30.69 14.68 0.20
C ASN A 34 -30.16 14.73 -1.23
N CYS A 35 -30.07 13.57 -1.88
CA CYS A 35 -29.67 13.52 -3.28
C CYS A 35 -30.09 12.16 -3.84
N VAL A 36 -30.12 12.08 -5.17
CA VAL A 36 -30.44 10.83 -5.84
C VAL A 36 -29.18 10.28 -6.49
N ALA A 37 -29.17 8.97 -6.71
CA ALA A 37 -28.02 8.31 -7.30
C ALA A 37 -28.47 7.09 -8.09
N ASP A 38 -27.94 6.95 -9.30
CA ASP A 38 -28.20 5.77 -10.11
C ASP A 38 -27.16 4.72 -9.69
N TYR A 39 -27.56 3.85 -8.76
CA TYR A 39 -26.64 2.87 -8.22
C TYR A 39 -26.28 1.78 -9.20
N SER A 40 -26.98 1.71 -10.35
CA SER A 40 -26.61 0.72 -11.36
C SER A 40 -25.20 0.95 -11.87
N VAL A 41 -24.73 2.20 -11.87
CA VAL A 41 -23.34 2.48 -12.23
C VAL A 41 -22.40 1.79 -11.26
N LEU A 42 -22.86 1.53 -10.04
CA LEU A 42 -22.01 0.89 -9.04
C LEU A 42 -22.07 -0.63 -9.17
N TYR A 43 -23.27 -1.21 -9.09
CA TYR A 43 -23.35 -2.67 -9.05
C TYR A 43 -23.21 -3.32 -10.41
N ASN A 44 -23.10 -2.55 -11.48
CA ASN A 44 -22.80 -3.09 -12.79
C ASN A 44 -21.35 -2.87 -13.19
N SER A 45 -20.53 -2.35 -12.27
CA SER A 45 -19.11 -2.18 -12.54
C SER A 45 -18.37 -3.50 -12.34
N ALA A 46 -17.38 -3.74 -13.20
CA ALA A 46 -16.53 -4.91 -13.11
C ALA A 46 -15.18 -4.60 -12.48
N SER A 47 -15.00 -3.38 -11.98
CA SER A 47 -13.72 -2.93 -11.47
C SER A 47 -13.51 -3.26 -10.00
N PHE A 48 -14.37 -4.08 -9.39
CA PHE A 48 -14.34 -4.36 -7.96
C PHE A 48 -14.03 -5.83 -7.74
N SER A 49 -13.03 -6.10 -6.89
CA SER A 49 -12.72 -7.45 -6.46
C SER A 49 -13.50 -7.88 -5.23
N THR A 50 -14.21 -6.96 -4.59
CA THR A 50 -15.02 -7.26 -3.42
C THR A 50 -16.23 -6.35 -3.45
N PHE A 51 -17.42 -6.97 -3.35
CA PHE A 51 -18.68 -6.24 -3.33
C PHE A 51 -19.65 -7.08 -2.50
N LYS A 52 -19.48 -6.99 -1.18
CA LYS A 52 -20.26 -7.78 -0.23
C LYS A 52 -21.21 -6.85 0.50
N CYS A 53 -22.51 -7.11 0.36
CA CYS A 53 -23.53 -6.33 1.03
C CYS A 53 -24.16 -7.14 2.15
N TYR A 54 -24.70 -6.42 3.13
CA TYR A 54 -25.32 -7.03 4.30
C TYR A 54 -26.60 -6.28 4.59
N GLY A 55 -27.71 -7.00 4.66
CA GLY A 55 -29.00 -6.40 4.92
C GLY A 55 -29.65 -5.74 3.73
N VAL A 56 -28.92 -5.56 2.62
CA VAL A 56 -29.47 -4.96 1.41
C VAL A 56 -28.95 -5.75 0.22
N SER A 57 -29.79 -5.84 -0.82
CA SER A 57 -29.39 -6.48 -2.07
C SER A 57 -28.70 -5.46 -2.96
N PRO A 58 -27.50 -5.76 -3.48
CA PRO A 58 -26.80 -4.76 -4.32
C PRO A 58 -27.58 -4.37 -5.56
N THR A 59 -28.10 -5.35 -6.30
CA THR A 59 -28.88 -5.10 -7.51
C THR A 59 -30.21 -4.41 -7.23
N LYS A 60 -30.55 -4.17 -5.97
CA LYS A 60 -31.82 -3.58 -5.58
C LYS A 60 -31.67 -2.18 -5.01
N LEU A 61 -30.47 -1.59 -5.10
CA LEU A 61 -30.21 -0.32 -4.42
C LEU A 61 -31.07 0.82 -4.98
N ASN A 62 -31.43 0.76 -6.26
CA ASN A 62 -32.26 1.80 -6.84
C ASN A 62 -33.71 1.74 -6.38
N ASP A 63 -34.16 0.60 -5.85
CA ASP A 63 -35.53 0.43 -5.39
C ASP A 63 -35.77 0.92 -3.97
N LEU A 64 -34.71 1.23 -3.23
CA LEU A 64 -34.82 1.63 -1.83
C LEU A 64 -34.45 3.10 -1.66
N CYS A 65 -35.06 3.73 -0.67
CA CYS A 65 -34.69 5.07 -0.22
C CYS A 65 -34.16 4.98 1.21
N PHE A 66 -33.21 5.84 1.54
CA PHE A 66 -32.57 5.84 2.84
C PHE A 66 -32.57 7.24 3.43
N THR A 67 -32.59 7.31 4.76
CA THR A 67 -32.57 8.60 5.42
C THR A 67 -31.20 9.26 5.29
N ASN A 68 -30.14 8.48 5.47
CA ASN A 68 -28.77 8.97 5.26
C ASN A 68 -27.92 7.83 4.75
N VAL A 69 -26.83 8.20 4.09
CA VAL A 69 -25.84 7.25 3.59
C VAL A 69 -24.46 7.75 3.99
N TYR A 70 -23.65 6.86 4.57
CA TYR A 70 -22.29 7.18 4.97
C TYR A 70 -21.31 6.40 4.10
N ALA A 71 -20.22 7.05 3.70
CA ALA A 71 -19.22 6.44 2.82
C ALA A 71 -17.85 6.56 3.48
N ASP A 72 -17.41 5.48 4.12
CA ASP A 72 -16.10 5.42 4.74
C ASP A 72 -15.11 4.84 3.74
N SER A 73 -13.92 5.44 3.65
CA SER A 73 -12.93 4.98 2.69
C SER A 73 -11.54 5.03 3.31
N PHE A 74 -10.69 4.11 2.86
CA PHE A 74 -9.35 3.94 3.41
C PHE A 74 -8.61 2.90 2.56
N VAL A 75 -7.35 2.65 2.90
CA VAL A 75 -6.53 1.66 2.22
C VAL A 75 -5.99 0.68 3.24
N ILE A 76 -6.07 -0.62 2.92
CA ILE A 76 -5.51 -1.68 3.73
C ILE A 76 -4.83 -2.69 2.82
N ARG A 77 -4.16 -3.66 3.45
CA ARG A 77 -3.56 -4.76 2.71
C ARG A 77 -4.65 -5.67 2.15
N GLY A 78 -4.28 -6.46 1.13
CA GLY A 78 -5.24 -7.33 0.51
C GLY A 78 -5.78 -8.38 1.47
N ASP A 79 -4.87 -9.06 2.18
CA ASP A 79 -5.26 -10.09 3.14
C ASP A 79 -6.08 -9.54 4.30
N GLU A 80 -6.14 -8.22 4.46
CA GLU A 80 -6.90 -7.60 5.54
C GLU A 80 -8.31 -7.18 5.12
N VAL A 81 -8.65 -7.31 3.84
CA VAL A 81 -9.95 -6.85 3.36
C VAL A 81 -11.08 -7.69 3.94
N ARG A 82 -10.83 -8.97 4.24
CA ARG A 82 -11.83 -9.82 4.83
C ARG A 82 -12.18 -9.42 6.27
N GLN A 83 -11.39 -8.55 6.90
CA GLN A 83 -11.73 -8.07 8.24
C GLN A 83 -12.75 -6.94 8.20
N ILE A 84 -12.94 -6.30 7.05
CA ILE A 84 -13.99 -5.28 6.89
C ILE A 84 -15.32 -5.98 6.65
N ALA A 85 -15.85 -6.59 7.71
CA ALA A 85 -17.10 -7.34 7.64
C ALA A 85 -17.62 -7.51 9.06
N PRO A 86 -18.94 -7.62 9.23
CA PRO A 86 -19.48 -7.82 10.59
C PRO A 86 -19.00 -9.12 11.20
N GLY A 87 -18.67 -9.07 12.49
CA GLY A 87 -18.25 -10.24 13.23
C GLY A 87 -16.81 -10.63 13.09
N GLN A 88 -16.02 -9.94 12.26
CA GLN A 88 -14.64 -10.32 12.02
C GLN A 88 -13.70 -9.61 12.99
N THR A 89 -12.54 -10.24 13.21
CA THR A 89 -11.53 -9.70 14.10
C THR A 89 -10.16 -9.78 13.44
N GLY A 90 -9.21 -9.08 14.02
CA GLY A 90 -7.90 -8.95 13.43
C GLY A 90 -7.31 -7.60 13.78
N LYS A 91 -6.08 -7.38 13.31
CA LYS A 91 -5.38 -6.13 13.62
C LYS A 91 -6.17 -4.93 13.12
N ILE A 92 -6.80 -5.04 11.96
CA ILE A 92 -7.52 -3.91 11.38
C ILE A 92 -8.88 -3.74 12.03
N ALA A 93 -9.61 -4.85 12.20
CA ALA A 93 -10.93 -4.76 12.82
C ALA A 93 -10.83 -4.34 14.28
N ASP A 94 -9.78 -4.78 14.99
CA ASP A 94 -9.68 -4.49 16.42
C ASP A 94 -9.16 -3.07 16.68
N TYR A 95 -8.19 -2.60 15.90
CA TYR A 95 -7.50 -1.36 16.22
C TYR A 95 -7.65 -0.25 15.18
N ASN A 96 -8.29 -0.51 14.05
CA ASN A 96 -8.27 0.48 12.97
C ASN A 96 -9.67 0.85 12.49
N TYR A 97 -10.44 -0.13 12.01
CA TYR A 97 -11.78 0.13 11.50
C TYR A 97 -12.66 -1.07 11.78
N LYS A 98 -13.80 -0.82 12.42
CA LYS A 98 -14.64 -1.89 12.95
C LYS A 98 -16.09 -1.67 12.55
N LEU A 99 -16.69 -2.69 11.91
CA LEU A 99 -18.10 -2.69 11.54
C LEU A 99 -18.93 -3.35 12.63
N PRO A 100 -20.16 -2.88 12.86
CA PRO A 100 -21.02 -3.47 13.89
C PRO A 100 -21.55 -4.83 13.47
N ASP A 101 -22.10 -5.55 14.45
CA ASP A 101 -22.67 -6.86 14.16
C ASP A 101 -23.94 -6.75 13.34
N ASP A 102 -24.70 -5.67 13.52
CA ASP A 102 -25.94 -5.42 12.79
C ASP A 102 -25.72 -4.47 11.61
N PHE A 103 -24.54 -4.54 10.98
CA PHE A 103 -24.22 -3.60 9.90
C PHE A 103 -25.15 -3.79 8.72
N THR A 104 -25.65 -2.69 8.19
CA THR A 104 -26.45 -2.68 6.97
C THR A 104 -25.74 -1.80 5.94
N GLY A 105 -25.25 -2.42 4.88
CA GLY A 105 -24.49 -1.69 3.88
C GLY A 105 -23.70 -2.64 3.02
N CYS A 106 -22.71 -2.07 2.33
CA CYS A 106 -21.88 -2.83 1.39
C CYS A 106 -20.41 -2.51 1.61
N VAL A 107 -19.58 -3.53 1.49
CA VAL A 107 -18.13 -3.39 1.56
C VAL A 107 -17.59 -3.57 0.15
N ILE A 108 -17.02 -2.50 -0.39
CA ILE A 108 -16.53 -2.47 -1.77
C ILE A 108 -15.02 -2.28 -1.73
N ALA A 109 -14.29 -3.15 -2.41
CA ALA A 109 -12.84 -3.07 -2.43
C ALA A 109 -12.30 -3.44 -3.80
N TRP A 110 -11.13 -2.89 -4.13
CA TRP A 110 -10.48 -3.16 -5.40
C TRP A 110 -8.98 -2.95 -5.26
N ASN A 111 -8.22 -3.68 -6.07
CA ASN A 111 -6.77 -3.59 -6.04
C ASN A 111 -6.31 -2.24 -6.55
N SER A 112 -5.44 -1.59 -5.78
CA SER A 112 -4.95 -0.25 -6.12
C SER A 112 -3.43 -0.21 -6.15
N ASN A 113 -2.79 -1.31 -6.54
CA ASN A 113 -1.34 -1.30 -6.73
C ASN A 113 -0.91 -0.26 -7.74
N ASN A 114 -1.73 -0.02 -8.78
CA ASN A 114 -1.39 0.94 -9.81
C ASN A 114 -1.48 2.38 -9.35
N LEU A 115 -2.18 2.64 -8.24
CA LEU A 115 -2.36 4.00 -7.75
C LEU A 115 -1.52 4.32 -6.53
N ASP A 116 -1.39 3.37 -5.59
CA ASP A 116 -0.75 3.63 -4.31
C ASP A 116 0.63 3.03 -4.18
N SER A 117 1.09 2.25 -5.17
CA SER A 117 2.42 1.64 -5.16
C SER A 117 3.18 2.00 -6.43
N LYS A 118 2.99 3.22 -6.92
CA LYS A 118 3.69 3.65 -8.13
C LYS A 118 5.16 3.89 -7.83
N VAL A 119 5.96 3.88 -8.91
CA VAL A 119 7.39 4.01 -8.79
C VAL A 119 7.79 5.34 -8.16
N GLY A 120 6.94 6.34 -8.23
CA GLY A 120 7.20 7.60 -7.56
C GLY A 120 7.20 7.47 -6.06
N GLY A 121 6.05 7.23 -5.47
CA GLY A 121 6.01 7.01 -4.04
C GLY A 121 5.25 8.09 -3.27
N ASN A 122 5.77 8.42 -2.08
CA ASN A 122 5.31 9.52 -1.24
C ASN A 122 3.96 9.25 -0.57
N TYR A 123 3.18 8.30 -1.09
CA TYR A 123 1.95 7.90 -0.41
C TYR A 123 2.33 7.01 0.77
N ASN A 124 2.21 7.54 1.99
CA ASN A 124 2.64 6.82 3.18
C ASN A 124 1.42 6.31 3.95
N TYR A 125 0.95 5.12 3.58
CA TYR A 125 -0.20 4.52 4.26
C TYR A 125 0.26 3.83 5.54
N ARG A 126 -0.50 4.04 6.61
CA ARG A 126 -0.13 3.52 7.92
C ARG A 126 -1.33 2.85 8.57
N TYR A 127 -1.06 2.08 9.63
CA TYR A 127 -2.09 1.45 10.44
C TYR A 127 -1.66 1.49 11.90
N ARG A 128 -2.61 1.21 12.79
CA ARG A 128 -2.37 1.21 14.22
C ARG A 128 -2.01 -0.21 14.65
N LEU A 129 -0.81 -0.38 15.24
CA LEU A 129 -0.36 -1.72 15.61
C LEU A 129 -1.11 -2.25 16.83
N PHE A 130 -1.45 -1.38 17.76
CA PHE A 130 -2.01 -1.82 19.02
C PHE A 130 -2.92 -0.74 19.60
N ARG A 131 -3.91 -1.19 20.36
CA ARG A 131 -4.77 -0.29 21.13
C ARG A 131 -5.14 -1.00 22.42
N LYS A 132 -5.33 -0.21 23.49
CA LYS A 132 -5.59 -0.78 24.81
C LYS A 132 -6.86 -1.62 24.81
N SER A 133 -7.96 -1.06 24.32
CA SER A 133 -9.19 -1.80 24.11
C SER A 133 -9.56 -1.78 22.63
N ASN A 134 -10.36 -2.75 22.20
CA ASN A 134 -10.78 -2.79 20.81
C ASN A 134 -11.63 -1.58 20.47
N LEU A 135 -11.61 -1.20 19.20
CA LEU A 135 -12.46 -0.12 18.73
C LEU A 135 -13.93 -0.52 18.79
N LYS A 136 -14.75 0.39 19.28
CA LYS A 136 -16.19 0.24 19.12
C LYS A 136 -16.54 0.41 17.64
N PRO A 137 -17.71 -0.09 17.20
CA PRO A 137 -18.09 0.07 15.79
C PRO A 137 -18.11 1.55 15.38
N PHE A 138 -17.38 1.84 14.31
CA PHE A 138 -17.32 3.19 13.72
C PHE A 138 -16.61 4.18 14.62
N GLU A 139 -15.62 3.71 15.37
CA GLU A 139 -14.81 4.58 16.21
C GLU A 139 -13.50 4.85 15.49
N ARG A 140 -12.99 6.07 15.63
CA ARG A 140 -11.78 6.50 14.96
C ARG A 140 -10.75 6.92 16.00
N ASP A 141 -9.53 6.43 15.84
CA ASP A 141 -8.44 6.73 16.76
C ASP A 141 -7.25 7.23 15.95
N ILE A 142 -6.96 8.52 16.07
CA ILE A 142 -5.82 9.13 15.38
C ILE A 142 -4.72 9.52 16.37
N SER A 143 -4.68 8.91 17.54
CA SER A 143 -3.64 9.24 18.50
C SER A 143 -2.29 8.70 18.03
N THR A 144 -1.24 9.49 18.24
CA THR A 144 0.12 9.10 17.92
C THR A 144 1.01 9.17 19.16
N GLU A 145 0.42 8.96 20.33
CA GLU A 145 1.16 9.05 21.58
C GLU A 145 2.05 7.83 21.75
N ILE A 146 3.32 8.07 22.08
CA ILE A 146 4.26 6.98 22.32
C ILE A 146 3.87 6.25 23.59
N TYR A 147 3.73 4.93 23.49
CA TYR A 147 3.28 4.10 24.60
C TYR A 147 4.48 3.61 25.41
N GLN A 148 4.43 3.82 26.72
CA GLN A 148 5.45 3.33 27.64
C GLN A 148 5.03 1.94 28.11
N ALA A 149 5.68 0.91 27.56
CA ALA A 149 5.41 -0.48 27.93
C ALA A 149 6.38 -1.01 28.97
N GLY A 150 7.36 -0.22 29.39
CA GLY A 150 8.34 -0.66 30.36
C GLY A 150 8.33 0.16 31.62
N SER A 151 9.50 0.30 32.26
CA SER A 151 9.62 1.00 33.54
C SER A 151 10.12 2.43 33.38
N LYS A 152 10.79 2.74 32.29
CA LYS A 152 11.36 4.08 32.12
C LYS A 152 10.42 4.96 31.32
N PRO A 153 10.26 6.22 31.71
CA PRO A 153 9.44 7.14 30.92
C PRO A 153 10.07 7.38 29.55
N CYS A 154 9.21 7.56 28.55
CA CYS A 154 9.67 7.67 27.18
C CYS A 154 10.04 9.09 26.79
N ASN A 155 9.39 10.09 27.39
CA ASN A 155 9.64 11.50 27.08
C ASN A 155 9.43 11.81 25.60
N GLY A 156 8.52 11.08 24.96
CA GLY A 156 8.14 11.38 23.59
C GLY A 156 9.10 10.90 22.51
N VAL A 157 9.92 9.89 22.80
CA VAL A 157 10.82 9.30 21.80
C VAL A 157 10.69 7.78 21.84
N GLU A 158 10.84 7.16 20.67
CA GLU A 158 10.84 5.71 20.56
C GLU A 158 12.04 5.12 21.27
N GLY A 159 11.90 3.90 21.72
CA GLY A 159 12.95 3.28 22.47
C GLY A 159 12.73 1.81 22.68
N PHE A 160 13.36 1.29 23.73
CA PHE A 160 13.35 -0.15 23.98
C PHE A 160 11.93 -0.66 24.19
N ASN A 161 11.25 -0.14 25.21
CA ASN A 161 9.83 -0.43 25.37
C ASN A 161 9.04 0.87 25.26
N CYS A 162 9.33 1.68 24.24
CA CYS A 162 8.64 2.94 23.98
C CYS A 162 8.18 2.88 22.53
N TYR A 163 6.94 2.43 22.31
CA TYR A 163 6.47 2.09 20.98
C TYR A 163 5.63 3.22 20.39
N PHE A 164 6.00 3.67 19.21
CA PHE A 164 5.11 4.52 18.43
C PHE A 164 3.95 3.66 17.92
N PRO A 165 2.70 4.12 18.05
CA PRO A 165 1.56 3.23 17.80
C PRO A 165 1.25 2.95 16.34
N LEU A 166 1.90 3.63 15.39
CA LEU A 166 1.58 3.49 13.98
C LEU A 166 2.79 2.96 13.22
N GLN A 167 2.51 2.29 12.09
CA GLN A 167 3.57 1.74 11.27
C GLN A 167 3.11 1.78 9.82
N SER A 168 4.06 2.05 8.92
CA SER A 168 3.78 2.10 7.50
C SER A 168 3.57 0.70 6.92
N TYR A 169 2.81 0.64 5.82
CA TYR A 169 2.50 -0.63 5.18
C TYR A 169 3.65 -1.18 4.34
N GLY A 170 4.51 -0.31 3.81
CA GLY A 170 5.60 -0.78 2.99
C GLY A 170 5.10 -1.31 1.65
N PHE A 171 4.38 -0.48 0.93
CA PHE A 171 3.82 -0.85 -0.37
C PHE A 171 4.76 -0.56 -1.53
N GLN A 172 5.89 0.10 -1.28
CA GLN A 172 6.78 0.50 -2.37
C GLN A 172 7.32 -0.67 -3.19
N PRO A 173 7.84 -1.75 -2.59
CA PRO A 173 8.40 -2.83 -3.42
C PRO A 173 7.29 -3.67 -4.05
N THR A 174 7.71 -4.57 -4.92
CA THR A 174 6.79 -5.55 -5.49
C THR A 174 6.57 -6.67 -4.48
N ASN A 175 5.31 -6.92 -4.13
CA ASN A 175 4.99 -8.04 -3.25
C ASN A 175 3.74 -8.73 -3.78
N GLY A 176 3.39 -9.84 -3.13
CA GLY A 176 2.25 -10.63 -3.55
C GLY A 176 0.94 -9.86 -3.50
N VAL A 177 -0.07 -10.44 -4.16
CA VAL A 177 -1.37 -9.78 -4.24
C VAL A 177 -1.96 -9.59 -2.85
N GLY A 178 -1.76 -10.56 -1.97
CA GLY A 178 -2.21 -10.41 -0.59
C GLY A 178 -1.53 -9.29 0.16
N TYR A 179 -0.38 -8.82 -0.33
CA TYR A 179 0.37 -7.75 0.33
C TYR A 179 0.31 -6.43 -0.44
N GLN A 180 -0.55 -6.32 -1.42
CA GLN A 180 -0.71 -5.10 -2.20
C GLN A 180 -1.81 -4.23 -1.61
N PRO A 181 -1.75 -2.92 -1.85
CA PRO A 181 -2.79 -2.03 -1.30
C PRO A 181 -4.13 -2.26 -1.99
N TYR A 182 -5.20 -2.17 -1.21
CA TYR A 182 -6.56 -2.26 -1.71
C TYR A 182 -7.34 -1.06 -1.19
N ARG A 183 -8.02 -0.37 -2.09
CA ARG A 183 -8.89 0.71 -1.66
C ARG A 183 -10.23 0.12 -1.25
N VAL A 184 -10.80 0.64 -0.17
CA VAL A 184 -12.03 0.12 0.41
C VAL A 184 -13.00 1.28 0.62
N VAL A 185 -14.24 1.10 0.20
CA VAL A 185 -15.33 2.01 0.48
C VAL A 185 -16.42 1.23 1.18
N VAL A 186 -16.91 1.75 2.30
CA VAL A 186 -17.96 1.12 3.06
C VAL A 186 -19.16 2.04 3.03
N LEU A 187 -20.20 1.64 2.31
CA LEU A 187 -21.45 2.39 2.27
C LEU A 187 -22.35 1.88 3.39
N SER A 188 -22.77 2.77 4.27
CA SER A 188 -23.71 2.44 5.34
C SER A 188 -25.04 3.11 5.02
N PHE A 189 -26.07 2.29 4.82
CA PHE A 189 -27.41 2.78 4.54
C PHE A 189 -28.22 2.77 5.83
N GLU A 190 -28.73 3.93 6.21
CA GLU A 190 -29.48 4.09 7.45
C GLU A 190 -30.93 4.37 7.12
N LEU A 191 -31.82 3.46 7.52
CA LEU A 191 -33.25 3.64 7.37
C LEU A 191 -33.82 3.89 8.77
N LEU A 192 -33.92 5.17 9.13
CA LEU A 192 -34.42 5.60 10.42
C LEU A 192 -35.86 6.11 10.27
N HIS A 193 -36.31 6.94 11.22
CA HIS A 193 -37.64 7.52 11.19
C HIS A 193 -37.70 8.86 10.47
N ALA A 194 -36.56 9.38 10.01
CA ALA A 194 -36.54 10.62 9.26
C ALA A 194 -37.08 10.39 7.85
N PRO A 195 -37.47 11.46 7.15
CA PRO A 195 -37.91 11.30 5.76
C PRO A 195 -36.82 10.69 4.88
N ALA A 196 -37.26 10.07 3.79
CA ALA A 196 -36.36 9.42 2.85
C ALA A 196 -35.68 10.48 1.98
N THR A 197 -34.35 10.51 2.02
CA THR A 197 -33.58 11.52 1.31
C THR A 197 -32.76 10.92 0.15
N VAL A 198 -31.85 9.99 0.45
CA VAL A 198 -30.97 9.41 -0.55
C VAL A 198 -31.70 8.24 -1.21
N CYS A 199 -32.21 8.47 -2.42
CA CYS A 199 -32.95 7.47 -3.18
C CYS A 199 -32.17 7.04 -4.41
N GLY A 200 -32.64 5.95 -5.02
CA GLY A 200 -32.11 5.51 -6.30
C GLY A 200 -32.94 6.03 -7.47
N LYS A 201 -32.40 5.84 -8.67
CA LYS A 201 -33.07 6.29 -9.89
C LYS A 201 -32.47 5.63 -11.13
N ALA B 1 -20.18 34.91 -10.47
CA ALA B 1 -19.75 33.64 -11.06
C ALA B 1 -18.30 33.35 -10.74
N ILE B 2 -17.87 32.07 -10.75
CA ILE B 2 -16.46 31.78 -10.44
C ILE B 2 -15.61 32.12 -11.65
N ARG B 3 -14.46 32.76 -11.40
CA ARG B 3 -13.54 33.13 -12.48
C ARG B 3 -12.19 32.48 -12.22
N MET B 4 -11.69 31.75 -13.22
CA MET B 4 -10.39 31.11 -13.16
C MET B 4 -9.42 31.88 -14.05
N THR B 5 -8.39 32.46 -13.46
CA THR B 5 -7.40 33.23 -14.20
C THR B 5 -6.06 32.51 -14.14
N GLN B 6 -5.48 32.28 -15.31
CA GLN B 6 -4.22 31.55 -15.42
C GLN B 6 -3.05 32.52 -15.55
N SER B 7 -1.89 32.09 -15.06
CA SER B 7 -0.69 32.88 -15.11
C SER B 7 0.49 31.93 -15.30
N PRO B 8 1.47 32.29 -16.12
CA PRO B 8 1.45 33.50 -16.96
C PRO B 8 0.64 33.27 -18.22
N GLY B 9 0.56 34.30 -19.07
CA GLY B 9 -0.07 34.11 -20.37
C GLY B 9 0.78 33.25 -21.28
N THR B 10 2.07 33.53 -21.33
CA THR B 10 3.01 32.77 -22.14
C THR B 10 4.19 32.36 -21.26
N LEU B 11 4.69 31.16 -21.49
CA LEU B 11 5.81 30.61 -20.71
C LEU B 11 6.86 30.16 -21.70
N SER B 12 8.00 30.85 -21.72
CA SER B 12 9.06 30.62 -22.72
C SER B 12 10.20 29.87 -22.05
N LEU B 13 10.29 28.57 -22.32
CA LEU B 13 11.26 27.68 -21.69
C LEU B 13 11.96 26.84 -22.74
N SER B 14 13.01 26.13 -22.31
CA SER B 14 13.79 25.25 -23.15
C SER B 14 13.53 23.79 -22.78
N PRO B 15 13.69 22.86 -23.73
CA PRO B 15 13.53 21.44 -23.40
C PRO B 15 14.45 21.04 -22.24
N GLY B 16 13.90 20.28 -21.31
CA GLY B 16 14.61 19.87 -20.13
C GLY B 16 14.33 20.72 -18.90
N GLU B 17 13.66 21.86 -19.06
CA GLU B 17 13.39 22.73 -17.93
C GLU B 17 12.07 22.35 -17.25
N ARG B 18 11.84 22.95 -16.09
CA ARG B 18 10.67 22.70 -15.27
C ARG B 18 9.65 23.81 -15.51
N ALA B 19 8.42 23.42 -15.84
CA ALA B 19 7.35 24.37 -16.11
C ALA B 19 6.39 24.43 -14.92
N THR B 20 6.09 25.64 -14.46
CA THR B 20 5.16 25.86 -13.35
C THR B 20 4.05 26.79 -13.82
N LEU B 21 2.85 26.22 -13.98
CA LEU B 21 1.69 26.95 -14.47
C LEU B 21 0.71 27.17 -13.33
N SER B 22 0.20 28.39 -13.21
CA SER B 22 -0.71 28.77 -12.13
C SER B 22 -2.14 28.89 -12.63
N CYS B 23 -3.08 28.59 -11.73
CA CYS B 23 -4.51 28.69 -12.01
C CYS B 23 -5.16 29.26 -10.75
N ARG B 24 -5.58 30.52 -10.81
CA ARG B 24 -6.15 31.23 -9.68
C ARG B 24 -7.67 31.25 -9.78
N ALA B 25 -8.34 30.98 -8.67
CA ALA B 25 -9.80 31.00 -8.61
C ALA B 25 -10.29 32.22 -7.84
N SER B 26 -11.43 32.75 -8.25
CA SER B 26 -11.96 33.94 -7.60
C SER B 26 -12.58 33.62 -6.25
N GLN B 27 -13.08 32.40 -6.07
CA GLN B 27 -13.55 31.87 -4.80
C GLN B 27 -12.78 30.60 -4.48
N SER B 28 -13.05 30.05 -3.29
CA SER B 28 -12.53 28.73 -2.97
C SER B 28 -13.22 27.69 -3.84
N VAL B 29 -12.43 26.84 -4.48
CA VAL B 29 -12.94 25.78 -5.34
C VAL B 29 -12.50 24.44 -4.76
N SER B 30 -13.44 23.50 -4.73
CA SER B 30 -13.11 22.16 -4.25
C SER B 30 -12.05 21.52 -5.14
N SER B 31 -11.00 21.00 -4.50
CA SER B 31 -9.94 20.33 -5.26
C SER B 31 -10.39 19.01 -5.85
N SER B 32 -11.59 18.53 -5.53
CA SER B 32 -12.11 17.36 -6.22
C SER B 32 -12.56 17.68 -7.64
N TYR B 33 -12.81 18.95 -7.96
CA TYR B 33 -13.40 19.34 -9.23
C TYR B 33 -12.56 20.43 -9.90
N LEU B 34 -11.26 20.15 -10.09
CA LEU B 34 -10.38 21.02 -10.85
C LEU B 34 -9.55 20.16 -11.79
N ALA B 35 -9.51 20.56 -13.07
CA ALA B 35 -8.87 19.76 -14.11
C ALA B 35 -7.87 20.59 -14.89
N TRP B 36 -7.01 19.90 -15.64
CA TRP B 36 -6.04 20.53 -16.54
C TRP B 36 -6.12 19.87 -17.90
N TYR B 37 -5.98 20.67 -18.96
CA TYR B 37 -6.07 20.18 -20.33
C TYR B 37 -4.84 20.64 -21.12
N GLN B 38 -4.38 19.77 -22.02
CA GLN B 38 -3.34 20.09 -22.98
C GLN B 38 -3.99 20.17 -24.36
N GLN B 39 -3.58 21.15 -25.15
CA GLN B 39 -4.12 21.30 -26.50
C GLN B 39 -3.00 21.67 -27.46
N LYS B 40 -2.83 20.87 -28.47
CA LYS B 40 -1.95 21.14 -29.58
C LYS B 40 -2.76 21.68 -30.75
N PRO B 41 -2.15 22.51 -31.61
CA PRO B 41 -2.91 23.15 -32.68
C PRO B 41 -3.55 22.12 -33.61
N GLY B 42 -4.82 22.36 -33.95
CA GLY B 42 -5.57 21.44 -34.77
C GLY B 42 -6.12 20.23 -34.05
N GLN B 43 -5.93 20.13 -32.73
CA GLN B 43 -6.37 18.99 -31.96
C GLN B 43 -7.38 19.42 -30.90
N ALA B 44 -8.29 18.50 -30.58
CA ALA B 44 -9.18 18.70 -29.45
C ALA B 44 -8.37 18.71 -28.15
N PRO B 45 -8.90 19.32 -27.10
CA PRO B 45 -8.18 19.35 -25.83
C PRO B 45 -7.98 17.94 -25.27
N ARG B 46 -6.81 17.72 -24.69
CA ARG B 46 -6.44 16.44 -24.10
C ARG B 46 -6.52 16.57 -22.58
N LEU B 47 -7.39 15.79 -21.96
CA LEU B 47 -7.48 15.80 -20.50
C LEU B 47 -6.17 15.31 -19.90
N LEU B 48 -5.53 16.16 -19.10
CA LEU B 48 -4.30 15.81 -18.40
C LEU B 48 -4.56 15.38 -16.96
N ILE B 49 -5.10 16.28 -16.16
CA ILE B 49 -5.31 16.07 -14.73
C ILE B 49 -6.78 16.28 -14.43
N TYR B 50 -7.33 15.44 -13.56
CA TYR B 50 -8.66 15.62 -13.00
C TYR B 50 -8.59 15.40 -11.50
N GLY B 51 -9.54 15.98 -10.78
CA GLY B 51 -9.51 15.87 -9.32
C GLY B 51 -8.25 16.46 -8.72
N ALA B 52 -7.81 17.61 -9.25
CA ALA B 52 -6.62 18.35 -8.84
C ALA B 52 -5.31 17.64 -9.18
N SER B 53 -5.23 16.31 -9.01
CA SER B 53 -3.93 15.65 -9.11
C SER B 53 -3.94 14.27 -9.78
N SER B 54 -5.07 13.75 -10.22
CA SER B 54 -5.09 12.45 -10.88
C SER B 54 -4.71 12.57 -12.35
N ARG B 55 -3.82 11.69 -12.79
CA ARG B 55 -3.39 11.66 -14.18
C ARG B 55 -4.37 10.81 -15.00
N ALA B 56 -4.83 11.37 -16.11
CA ALA B 56 -5.65 10.61 -17.05
C ALA B 56 -4.81 9.51 -17.70
N THR B 57 -5.50 8.63 -18.43
CA THR B 57 -4.83 7.48 -19.02
C THR B 57 -3.75 7.93 -20.01
N GLY B 58 -2.55 7.39 -19.84
CA GLY B 58 -1.46 7.66 -20.75
C GLY B 58 -0.63 8.89 -20.43
N ILE B 59 -1.06 9.71 -19.48
CA ILE B 59 -0.32 10.93 -19.13
C ILE B 59 0.94 10.58 -18.36
N PRO B 60 2.11 11.00 -18.81
CA PRO B 60 3.35 10.67 -18.09
C PRO B 60 3.40 11.31 -16.72
N ASP B 61 4.23 10.73 -15.86
CA ASP B 61 4.36 11.18 -14.48
C ASP B 61 5.03 12.54 -14.35
N ARG B 62 5.71 13.04 -15.38
CA ARG B 62 6.30 14.37 -15.28
C ARG B 62 5.24 15.47 -15.20
N PHE B 63 3.99 15.16 -15.50
CA PHE B 63 2.89 16.10 -15.28
C PHE B 63 2.31 15.84 -13.90
N SER B 64 2.33 16.85 -13.04
CA SER B 64 1.72 16.71 -11.72
C SER B 64 0.87 17.94 -11.42
N GLY B 65 -0.31 17.71 -10.86
CA GLY B 65 -1.19 18.78 -10.42
C GLY B 65 -1.24 18.86 -8.91
N SER B 66 -1.49 20.05 -8.39
CA SER B 66 -1.53 20.26 -6.95
C SER B 66 -2.32 21.53 -6.65
N GLY B 67 -2.35 21.90 -5.37
CA GLY B 67 -3.01 23.11 -4.93
C GLY B 67 -4.32 22.81 -4.23
N SER B 68 -4.94 23.90 -3.76
CA SER B 68 -6.22 23.82 -3.06
C SER B 68 -6.75 25.24 -2.89
N GLY B 69 -8.02 25.34 -2.54
CA GLY B 69 -8.64 26.61 -2.24
C GLY B 69 -8.79 27.48 -3.47
N THR B 70 -7.82 28.38 -3.69
CA THR B 70 -7.84 29.26 -4.84
C THR B 70 -6.57 29.21 -5.68
N ASP B 71 -5.55 28.47 -5.27
CA ASP B 71 -4.27 28.40 -5.98
C ASP B 71 -4.01 26.96 -6.38
N PHE B 72 -4.03 26.70 -7.69
CA PHE B 72 -3.72 25.39 -8.23
C PHE B 72 -2.54 25.50 -9.19
N THR B 73 -1.83 24.40 -9.36
CA THR B 73 -0.55 24.41 -10.05
C THR B 73 -0.37 23.14 -10.85
N LEU B 74 0.03 23.29 -12.12
CA LEU B 74 0.47 22.19 -12.95
C LEU B 74 1.98 22.30 -13.10
N THR B 75 2.71 21.26 -12.70
CA THR B 75 4.15 21.24 -12.80
C THR B 75 4.58 20.17 -13.81
N ILE B 76 5.40 20.57 -14.77
CA ILE B 76 6.02 19.66 -15.73
C ILE B 76 7.50 19.60 -15.36
N SER B 77 7.91 18.51 -14.72
CA SER B 77 9.22 18.44 -14.10
C SER B 77 10.35 18.62 -15.12
N ARG B 78 10.19 18.04 -16.32
CA ARG B 78 11.19 18.15 -17.38
C ARG B 78 10.48 18.24 -18.72
N LEU B 79 10.56 19.39 -19.36
CA LEU B 79 9.84 19.62 -20.61
C LEU B 79 10.42 18.78 -21.74
N GLU B 80 9.58 17.93 -22.32
CA GLU B 80 9.89 17.27 -23.57
C GLU B 80 9.44 18.16 -24.73
N PRO B 81 9.93 17.91 -25.94
CA PRO B 81 9.46 18.73 -27.08
C PRO B 81 7.96 18.66 -27.27
N GLU B 82 7.35 17.50 -27.07
CA GLU B 82 5.92 17.34 -27.27
C GLU B 82 5.08 18.08 -26.25
N ASP B 83 5.70 18.63 -25.20
CA ASP B 83 4.95 19.29 -24.14
C ASP B 83 4.65 20.75 -24.45
N PHE B 84 5.36 21.35 -25.41
CA PHE B 84 5.14 22.75 -25.73
C PHE B 84 3.80 22.90 -26.43
N ALA B 85 2.86 23.57 -25.74
CA ALA B 85 1.47 23.65 -26.16
C ALA B 85 0.71 24.65 -25.29
N VAL B 86 -0.62 24.58 -25.32
CA VAL B 86 -1.48 25.43 -24.51
C VAL B 86 -2.14 24.57 -23.44
N TYR B 87 -2.18 25.10 -22.21
CA TYR B 87 -2.76 24.39 -21.08
C TYR B 87 -3.89 25.21 -20.49
N TYR B 88 -5.06 24.58 -20.33
CA TYR B 88 -6.23 25.18 -19.71
C TYR B 88 -6.54 24.48 -18.40
N CYS B 89 -6.98 25.25 -17.40
CA CYS B 89 -7.57 24.69 -16.20
C CYS B 89 -9.08 24.88 -16.24
N GLN B 90 -9.79 24.02 -15.50
CA GLN B 90 -11.24 24.01 -15.52
C GLN B 90 -11.78 23.72 -14.13
N GLN B 91 -12.71 24.56 -13.68
CA GLN B 91 -13.50 24.31 -12.49
C GLN B 91 -14.81 23.66 -12.91
N TYR B 92 -15.19 22.57 -12.24
CA TYR B 92 -16.44 21.90 -12.54
C TYR B 92 -17.07 21.42 -11.23
N GLY B 93 -17.91 20.40 -11.32
CA GLY B 93 -18.63 19.90 -10.16
C GLY B 93 -19.79 19.03 -10.59
N THR B 94 -20.63 18.68 -9.61
CA THR B 94 -21.82 17.88 -9.84
C THR B 94 -23.05 18.73 -10.14
N SER B 95 -22.87 20.03 -10.42
CA SER B 95 -23.90 20.93 -10.90
C SER B 95 -23.54 21.44 -12.29
N PRO B 96 -24.54 21.80 -13.11
CA PRO B 96 -24.24 22.44 -14.40
C PRO B 96 -23.74 23.86 -14.22
N SER B 97 -22.47 24.01 -13.84
CA SER B 97 -21.84 25.32 -13.65
C SER B 97 -20.32 25.14 -13.68
N TRP B 98 -19.71 25.32 -14.84
CA TRP B 98 -18.29 25.14 -15.04
C TRP B 98 -17.67 26.41 -15.61
N THR B 99 -16.37 26.58 -15.38
CA THR B 99 -15.62 27.66 -16.01
C THR B 99 -14.24 27.15 -16.39
N PHE B 100 -13.63 27.82 -17.36
CA PHE B 100 -12.28 27.50 -17.79
C PHE B 100 -11.37 28.70 -17.60
N GLY B 101 -10.07 28.43 -17.43
CA GLY B 101 -9.09 29.48 -17.52
C GLY B 101 -8.82 29.87 -18.96
N GLN B 102 -8.26 31.06 -19.16
CA GLN B 102 -8.04 31.56 -20.52
C GLN B 102 -6.85 30.88 -21.19
N GLY B 103 -6.07 30.08 -20.47
CA GLY B 103 -5.01 29.29 -21.06
C GLY B 103 -3.63 29.89 -20.84
N THR B 104 -2.63 29.01 -20.92
CA THR B 104 -1.23 29.40 -20.87
C THR B 104 -0.51 28.67 -21.99
N LYS B 105 0.29 29.40 -22.78
CA LYS B 105 1.05 28.82 -23.87
C LYS B 105 2.49 28.60 -23.43
N VAL B 106 2.93 27.35 -23.46
CA VAL B 106 4.31 26.99 -23.17
C VAL B 106 5.03 26.84 -24.51
N GLU B 107 5.98 27.72 -24.79
CA GLU B 107 6.68 27.73 -26.07
C GLU B 107 8.19 27.67 -25.86
N ILE B 108 8.89 27.47 -26.97
CA ILE B 108 10.35 27.29 -26.93
C ILE B 108 11.02 28.65 -26.79
N LYS B 109 11.88 28.78 -25.79
CA LYS B 109 12.72 29.96 -25.67
C LYS B 109 13.82 29.93 -26.73
N ARG B 110 14.16 31.10 -27.25
CA ARG B 110 15.09 31.21 -28.36
C ARG B 110 15.71 32.61 -28.32
N THR B 111 16.87 32.74 -28.93
CA THR B 111 17.43 34.07 -29.15
C THR B 111 16.51 34.89 -30.04
N VAL B 112 16.52 36.20 -29.84
CA VAL B 112 15.69 37.10 -30.64
C VAL B 112 16.15 37.04 -32.09
N ALA B 113 15.19 36.92 -33.01
CA ALA B 113 15.47 36.93 -34.44
C ALA B 113 14.53 37.92 -35.11
N ALA B 114 15.11 38.89 -35.82
CA ALA B 114 14.30 39.88 -36.50
C ALA B 114 13.58 39.24 -37.69
N PRO B 115 12.41 39.76 -38.07
CA PRO B 115 11.72 39.25 -39.25
C PRO B 115 12.33 39.80 -40.54
N SER B 116 12.43 38.93 -41.53
CA SER B 116 12.71 39.37 -42.91
C SER B 116 11.36 39.70 -43.57
N VAL B 117 11.23 40.93 -44.05
CA VAL B 117 9.95 41.42 -44.56
C VAL B 117 9.97 41.41 -46.09
N PHE B 118 8.88 40.94 -46.68
CA PHE B 118 8.68 40.98 -48.13
C PHE B 118 7.25 41.44 -48.41
N ILE B 119 7.10 42.33 -49.39
CA ILE B 119 5.78 42.80 -49.81
C ILE B 119 5.53 42.29 -51.23
N PHE B 120 4.27 41.98 -51.52
CA PHE B 120 3.88 41.38 -52.79
C PHE B 120 2.72 42.16 -53.39
N PRO B 121 2.88 42.73 -54.58
CA PRO B 121 1.76 43.41 -55.25
C PRO B 121 0.70 42.42 -55.69
N PRO B 122 -0.54 42.87 -55.86
CA PRO B 122 -1.56 42.00 -56.43
C PRO B 122 -1.21 41.60 -57.87
N SER B 123 -1.56 40.37 -58.21
CA SER B 123 -1.26 39.85 -59.54
C SER B 123 -2.20 40.46 -60.58
N ASP B 124 -1.73 40.51 -61.82
CA ASP B 124 -2.55 41.08 -62.90
C ASP B 124 -3.79 40.24 -63.15
N GLU B 125 -3.67 38.91 -63.07
CA GLU B 125 -4.84 38.06 -63.28
C GLU B 125 -5.90 38.29 -62.21
N GLN B 126 -5.48 38.59 -60.98
CA GLN B 126 -6.45 38.93 -59.95
C GLN B 126 -7.10 40.28 -60.24
N LEU B 127 -6.30 41.25 -60.71
CA LEU B 127 -6.85 42.56 -61.06
C LEU B 127 -7.88 42.48 -62.19
N LYS B 128 -7.80 41.45 -63.03
CA LYS B 128 -8.84 41.23 -64.03
C LYS B 128 -10.20 40.96 -63.40
N SER B 129 -10.23 40.49 -62.15
CA SER B 129 -11.47 40.10 -61.50
C SER B 129 -12.03 41.16 -60.56
N GLY B 130 -11.35 42.31 -60.44
CA GLY B 130 -11.89 43.43 -59.69
C GLY B 130 -11.43 43.56 -58.25
N THR B 131 -10.58 42.66 -57.77
CA THR B 131 -10.11 42.70 -56.39
C THR B 131 -8.59 42.68 -56.36
N ALA B 132 -8.01 43.43 -55.45
CA ALA B 132 -6.56 43.50 -55.28
C ALA B 132 -6.19 43.09 -53.86
N SER B 133 -5.30 42.11 -53.75
CA SER B 133 -4.80 41.64 -52.46
C SER B 133 -3.31 41.96 -52.38
N VAL B 134 -2.91 42.69 -51.35
CA VAL B 134 -1.51 43.01 -51.11
C VAL B 134 -1.05 42.20 -49.90
N VAL B 135 0.02 41.44 -50.06
CA VAL B 135 0.45 40.46 -49.07
C VAL B 135 1.81 40.88 -48.50
N CYS B 136 1.87 41.02 -47.18
CA CYS B 136 3.10 41.36 -46.47
C CYS B 136 3.54 40.15 -45.66
N LEU B 137 4.81 39.77 -45.81
CA LEU B 137 5.34 38.55 -45.22
C LEU B 137 6.39 38.90 -44.18
N LEU B 138 6.21 38.38 -42.96
CA LEU B 138 7.19 38.48 -41.87
C LEU B 138 7.74 37.07 -41.64
N ASN B 139 9.00 36.86 -41.96
CA ASN B 139 9.55 35.51 -42.09
C ASN B 139 10.58 35.23 -40.99
N ASN B 140 10.35 34.16 -40.22
CA ASN B 140 11.33 33.54 -39.34
C ASN B 140 11.83 34.51 -38.26
N PHE B 141 10.90 34.93 -37.39
CA PHE B 141 11.23 35.84 -36.31
C PHE B 141 10.90 35.23 -34.95
N TYR B 142 11.41 35.87 -33.90
CA TYR B 142 11.14 35.50 -32.52
C TYR B 142 11.50 36.69 -31.65
N PRO B 143 10.68 37.03 -30.63
CA PRO B 143 9.44 36.36 -30.22
C PRO B 143 8.25 36.63 -31.14
N ARG B 144 7.05 36.17 -30.76
CA ARG B 144 5.91 36.20 -31.66
C ARG B 144 5.28 37.59 -31.82
N GLU B 145 5.46 38.47 -30.84
CA GLU B 145 4.85 39.81 -30.91
C GLU B 145 5.39 40.59 -32.11
N ALA B 146 4.49 41.06 -32.96
CA ALA B 146 4.87 41.86 -34.12
C ALA B 146 3.69 42.72 -34.55
N LYS B 147 3.98 43.94 -34.99
CA LYS B 147 2.96 44.87 -35.48
C LYS B 147 3.11 45.05 -36.97
N VAL B 148 1.99 45.02 -37.69
CA VAL B 148 1.96 45.25 -39.13
C VAL B 148 1.02 46.43 -39.38
N GLN B 149 1.57 47.53 -39.86
CA GLN B 149 0.78 48.69 -40.24
C GLN B 149 0.80 48.82 -41.75
N TRP B 150 -0.39 48.90 -42.36
CA TRP B 150 -0.52 49.10 -43.79
C TRP B 150 -0.62 50.60 -44.08
N LYS B 151 0.17 51.06 -45.04
CA LYS B 151 0.14 52.44 -45.47
C LYS B 151 -0.18 52.49 -46.96
N VAL B 152 -1.20 53.26 -47.32
CA VAL B 152 -1.58 53.49 -48.71
C VAL B 152 -1.46 54.99 -48.95
N ASP B 153 -0.48 55.38 -49.76
CA ASP B 153 -0.12 56.79 -49.95
C ASP B 153 0.15 57.46 -48.60
N ASN B 154 0.89 56.75 -47.74
CA ASN B 154 1.26 57.20 -46.39
C ASN B 154 0.06 57.41 -45.49
N ALA B 155 -1.10 56.88 -45.86
CA ALA B 155 -2.29 56.91 -45.02
C ALA B 155 -2.42 55.57 -44.31
N LEU B 156 -2.43 55.60 -42.98
CA LEU B 156 -2.44 54.37 -42.19
C LEU B 156 -3.80 53.68 -42.27
N GLN B 157 -3.79 52.41 -42.66
CA GLN B 157 -4.99 51.61 -42.86
C GLN B 157 -5.43 50.93 -41.57
N SER B 158 -6.72 50.57 -41.53
CA SER B 158 -7.28 49.78 -40.45
C SER B 158 -8.59 49.16 -40.94
N GLY B 159 -8.82 47.90 -40.56
CA GLY B 159 -10.06 47.23 -40.86
C GLY B 159 -10.11 46.48 -42.17
N ASN B 160 -9.08 46.62 -43.02
CA ASN B 160 -9.05 45.94 -44.31
C ASN B 160 -7.91 44.96 -44.44
N SER B 161 -7.39 44.46 -43.32
CA SER B 161 -6.26 43.55 -43.31
C SER B 161 -6.57 42.35 -42.42
N GLN B 162 -6.06 41.19 -42.81
CA GLN B 162 -6.19 39.96 -42.05
C GLN B 162 -4.84 39.30 -41.91
N GLU B 163 -4.56 38.81 -40.70
CA GLU B 163 -3.28 38.23 -40.35
C GLU B 163 -3.41 36.73 -40.11
N SER B 164 -2.32 36.01 -40.39
CA SER B 164 -2.19 34.60 -40.06
C SER B 164 -0.75 34.34 -39.63
N VAL B 165 -0.58 33.55 -38.58
CA VAL B 165 0.72 33.19 -38.05
C VAL B 165 0.87 31.67 -38.13
N THR B 166 2.06 31.22 -38.50
CA THR B 166 2.35 29.80 -38.44
C THR B 166 2.65 29.39 -36.99
N GLU B 167 2.49 28.10 -36.73
CA GLU B 167 2.93 27.59 -35.45
C GLU B 167 4.44 27.60 -35.37
N GLN B 168 4.96 27.64 -34.14
CA GLN B 168 6.40 27.73 -33.93
C GLN B 168 7.11 26.60 -34.67
N ASP B 169 8.13 26.97 -35.45
CA ASP B 169 8.80 26.01 -36.31
C ASP B 169 9.58 25.00 -35.49
N SER B 170 9.39 23.72 -35.80
CA SER B 170 10.03 22.66 -35.03
C SER B 170 11.55 22.66 -35.15
N LYS B 171 12.10 23.32 -36.17
CA LYS B 171 13.55 23.27 -36.39
C LYS B 171 14.25 24.45 -35.73
N ASP B 172 13.86 25.68 -36.07
CA ASP B 172 14.53 26.87 -35.58
C ASP B 172 13.71 27.68 -34.59
N SER B 173 12.56 27.16 -34.17
CA SER B 173 11.73 27.77 -33.11
C SER B 173 11.33 29.20 -33.45
N THR B 174 11.16 29.51 -34.73
CA THR B 174 10.74 30.84 -35.16
C THR B 174 9.28 30.81 -35.61
N TYR B 175 8.69 31.99 -35.69
CA TYR B 175 7.35 32.18 -36.22
C TYR B 175 7.42 32.88 -37.57
N SER B 176 6.31 32.83 -38.29
CA SER B 176 6.16 33.60 -39.51
C SER B 176 4.73 34.12 -39.58
N LEU B 177 4.57 35.29 -40.20
CA LEU B 177 3.28 35.98 -40.23
C LEU B 177 3.02 36.53 -41.63
N SER B 178 1.77 36.46 -42.05
CA SER B 178 1.34 37.07 -43.31
C SER B 178 0.14 37.97 -43.04
N SER B 179 0.25 39.23 -43.46
CA SER B 179 -0.87 40.16 -43.43
C SER B 179 -1.33 40.41 -44.86
N THR B 180 -2.64 40.39 -45.08
CA THR B 180 -3.20 40.54 -46.42
C THR B 180 -4.13 41.75 -46.43
N LEU B 181 -3.74 42.79 -47.16
CA LEU B 181 -4.57 43.95 -47.38
C LEU B 181 -5.45 43.72 -48.62
N THR B 182 -6.74 43.98 -48.48
CA THR B 182 -7.71 43.78 -49.55
C THR B 182 -8.34 45.10 -49.94
N LEU B 183 -8.25 45.45 -51.21
CA LEU B 183 -8.90 46.64 -51.76
C LEU B 183 -9.62 46.27 -53.04
N SER B 184 -10.68 47.00 -53.34
CA SER B 184 -11.29 46.88 -54.65
C SER B 184 -10.31 47.40 -55.71
N LYS B 185 -10.52 46.96 -56.96
CA LYS B 185 -9.68 47.45 -58.05
C LYS B 185 -9.77 48.96 -58.16
N ALA B 186 -10.97 49.52 -57.99
CA ALA B 186 -11.14 50.97 -58.10
C ALA B 186 -10.31 51.70 -57.04
N ASP B 187 -10.35 51.21 -55.80
CA ASP B 187 -9.54 51.82 -54.75
C ASP B 187 -8.05 51.62 -55.02
N TYR B 188 -7.67 50.42 -55.47
CA TYR B 188 -6.25 50.12 -55.66
C TYR B 188 -5.63 50.99 -56.74
N GLU B 189 -6.41 51.37 -57.75
CA GLU B 189 -5.89 52.23 -58.81
C GLU B 189 -5.94 53.71 -58.47
N LYS B 190 -6.62 54.07 -57.38
CA LYS B 190 -6.65 55.47 -56.94
C LYS B 190 -5.34 55.91 -56.31
N HIS B 191 -4.49 54.96 -55.92
CA HIS B 191 -3.32 55.28 -55.10
C HIS B 191 -2.09 54.61 -55.67
N LYS B 192 -0.92 55.14 -55.28
CA LYS B 192 0.36 54.77 -55.87
C LYS B 192 1.25 53.98 -54.94
N VAL B 193 1.45 54.45 -53.70
CA VAL B 193 2.44 53.88 -52.79
C VAL B 193 1.73 52.95 -51.81
N TYR B 194 2.13 51.68 -51.83
CA TYR B 194 1.61 50.69 -50.90
C TYR B 194 2.76 50.17 -50.05
N ALA B 195 2.58 50.19 -48.74
CA ALA B 195 3.66 49.85 -47.82
C ALA B 195 3.10 49.14 -46.60
N CYS B 196 3.85 48.16 -46.09
CA CYS B 196 3.59 47.60 -44.78
C CYS B 196 4.78 47.90 -43.89
N GLU B 197 4.49 48.46 -42.72
CA GLU B 197 5.51 48.80 -41.74
C GLU B 197 5.48 47.76 -40.62
N VAL B 198 6.66 47.26 -40.26
CA VAL B 198 6.79 46.15 -39.32
C VAL B 198 7.57 46.63 -38.10
N THR B 199 6.96 46.51 -36.93
CA THR B 199 7.60 46.78 -35.66
C THR B 199 7.86 45.46 -34.95
N HIS B 200 9.08 45.29 -34.44
CA HIS B 200 9.43 44.06 -33.76
C HIS B 200 10.66 44.31 -32.88
N GLN B 201 10.72 43.56 -31.77
CA GLN B 201 11.77 43.74 -30.77
C GLN B 201 13.16 43.58 -31.36
N GLY B 202 13.32 42.71 -32.36
CA GLY B 202 14.59 42.47 -33.03
C GLY B 202 15.02 43.54 -34.01
N LEU B 203 14.24 44.61 -34.15
CA LEU B 203 14.53 45.71 -35.06
C LEU B 203 14.77 46.97 -34.24
N SER B 204 15.94 47.58 -34.43
CA SER B 204 16.23 48.88 -33.81
C SER B 204 15.12 49.86 -34.09
N SER B 205 14.56 49.80 -35.30
CA SER B 205 13.58 50.74 -35.82
C SER B 205 12.59 49.97 -36.68
N PRO B 206 11.35 50.45 -36.79
CA PRO B 206 10.38 49.77 -37.66
C PRO B 206 10.85 49.74 -39.11
N VAL B 207 10.73 48.57 -39.73
CA VAL B 207 11.15 48.35 -41.11
C VAL B 207 9.91 48.46 -42.01
N THR B 208 10.04 49.20 -43.11
CA THR B 208 8.97 49.38 -44.07
C THR B 208 9.39 48.88 -45.44
N LYS B 209 8.57 48.03 -46.04
CA LYS B 209 8.75 47.56 -47.40
C LYS B 209 7.60 48.10 -48.25
N SER B 210 7.91 48.55 -49.46
CA SER B 210 6.89 49.23 -50.26
C SER B 210 7.13 49.02 -51.74
N PHE B 211 6.11 49.37 -52.52
CA PHE B 211 6.19 49.38 -53.97
C PHE B 211 5.22 50.43 -54.48
N ASN B 212 5.52 50.99 -55.64
CA ASN B 212 4.63 51.92 -56.31
C ASN B 212 3.86 51.17 -57.40
N ARG B 213 2.54 51.24 -57.33
CA ARG B 213 1.69 50.56 -58.30
C ARG B 213 2.03 51.00 -59.71
N GLY B 214 2.46 50.04 -60.53
CA GLY B 214 2.81 50.31 -61.91
C GLY B 214 4.29 50.17 -62.22
N GLU B 215 5.15 50.30 -61.22
CA GLU B 215 6.58 50.13 -61.44
C GLU B 215 6.92 48.65 -61.57
N CYS B 216 7.98 48.37 -62.34
CA CYS B 216 8.42 47.00 -62.57
C CYS B 216 9.15 46.45 -61.35
N GLU C 1 -15.59 1.84 -21.74
CA GLU C 1 -16.95 1.60 -22.23
C GLU C 1 -17.69 2.90 -22.48
N VAL C 2 -17.48 3.91 -21.63
CA VAL C 2 -18.15 5.19 -21.80
C VAL C 2 -17.55 5.91 -23.00
N GLN C 3 -18.42 6.50 -23.82
CA GLN C 3 -17.99 7.10 -25.07
C GLN C 3 -19.04 8.10 -25.52
N LEU C 4 -18.61 9.29 -25.92
CA LEU C 4 -19.51 10.34 -26.38
C LEU C 4 -19.26 10.59 -27.87
N VAL C 5 -20.30 10.39 -28.68
CA VAL C 5 -20.21 10.55 -30.12
C VAL C 5 -21.11 11.70 -30.55
N GLN C 6 -20.51 12.74 -31.12
CA GLN C 6 -21.25 13.91 -31.60
C GLN C 6 -21.57 13.77 -33.09
N SER C 7 -22.58 14.51 -33.52
CA SER C 7 -22.95 14.48 -34.93
C SER C 7 -21.93 15.24 -35.78
N GLY C 8 -22.06 15.08 -37.10
CA GLY C 8 -21.07 15.59 -38.03
C GLY C 8 -21.09 17.11 -38.19
N ALA C 9 -20.00 17.62 -38.77
CA ALA C 9 -19.83 19.04 -38.97
C ALA C 9 -20.97 19.61 -39.81
N GLU C 10 -21.21 20.90 -39.65
CA GLU C 10 -22.33 21.56 -40.31
C GLU C 10 -21.91 22.92 -40.84
N VAL C 11 -22.56 23.33 -41.93
CA VAL C 11 -22.41 24.67 -42.49
C VAL C 11 -23.80 25.31 -42.47
N LYS C 12 -23.95 26.37 -41.68
CA LYS C 12 -25.22 27.06 -41.54
C LYS C 12 -25.07 28.49 -42.06
N LYS C 13 -26.10 28.97 -42.74
CA LYS C 13 -26.04 30.35 -43.17
C LYS C 13 -26.49 31.27 -42.03
N PRO C 14 -26.01 32.52 -42.01
CA PRO C 14 -26.38 33.43 -40.92
C PRO C 14 -27.89 33.55 -40.75
N GLY C 15 -28.33 33.63 -39.50
CA GLY C 15 -29.74 33.74 -39.17
C GLY C 15 -30.42 32.43 -38.85
N SER C 16 -29.87 31.31 -39.32
CA SER C 16 -30.46 30.00 -39.09
C SER C 16 -30.09 29.50 -37.70
N SER C 17 -30.50 28.26 -37.42
CA SER C 17 -30.18 27.60 -36.16
C SER C 17 -29.57 26.24 -36.45
N VAL C 18 -28.91 25.67 -35.44
CA VAL C 18 -28.27 24.36 -35.54
C VAL C 18 -28.50 23.61 -34.24
N LYS C 19 -28.71 22.29 -34.36
CA LYS C 19 -28.93 21.42 -33.21
C LYS C 19 -27.91 20.28 -33.26
N VAL C 20 -26.85 20.40 -32.46
CA VAL C 20 -25.80 19.39 -32.41
C VAL C 20 -26.20 18.32 -31.41
N SER C 21 -25.93 17.06 -31.75
CA SER C 21 -26.29 15.93 -30.91
C SER C 21 -25.04 15.30 -30.29
N CYS C 22 -25.27 14.46 -29.28
CA CYS C 22 -24.18 13.88 -28.50
C CYS C 22 -24.72 12.59 -27.86
N LYS C 23 -24.42 11.46 -28.48
CA LYS C 23 -24.93 10.15 -28.03
C LYS C 23 -23.95 9.54 -27.05
N ALA C 24 -24.43 9.21 -25.85
CA ALA C 24 -23.62 8.59 -24.82
C ALA C 24 -23.93 7.10 -24.71
N SER C 25 -22.88 6.29 -24.62
CA SER C 25 -23.03 4.88 -24.33
C SER C 25 -22.33 4.55 -23.00
N GLY C 26 -22.85 3.56 -22.29
CA GLY C 26 -22.20 3.06 -21.10
C GLY C 26 -23.02 3.14 -19.82
N GLY C 27 -24.20 3.76 -19.83
CA GLY C 27 -25.09 3.72 -18.70
C GLY C 27 -24.95 4.87 -17.71
N THR C 28 -23.89 5.67 -17.81
CA THR C 28 -23.68 6.78 -16.89
C THR C 28 -24.42 8.05 -17.32
N PHE C 29 -25.26 7.98 -18.34
CA PHE C 29 -25.86 9.18 -18.94
C PHE C 29 -26.76 9.90 -17.95
N SER C 30 -27.74 9.18 -17.37
CA SER C 30 -28.76 9.83 -16.55
C SER C 30 -28.15 10.51 -15.34
N SER C 31 -27.25 9.82 -14.65
CA SER C 31 -26.59 10.35 -13.46
C SER C 31 -25.32 11.11 -13.81
N SER C 32 -25.42 12.06 -14.74
CA SER C 32 -24.27 12.84 -15.18
C SER C 32 -24.66 14.29 -15.37
N VAL C 33 -23.65 15.15 -15.29
CA VAL C 33 -23.76 16.55 -15.69
C VAL C 33 -23.17 16.65 -17.09
N ILE C 34 -24.01 16.96 -18.07
CA ILE C 34 -23.60 16.99 -19.47
C ILE C 34 -23.58 18.44 -19.91
N SER C 35 -22.39 18.94 -20.24
CA SER C 35 -22.19 20.32 -20.61
C SER C 35 -21.81 20.43 -22.08
N TRP C 36 -21.90 21.64 -22.60
CA TRP C 36 -21.47 21.98 -23.94
C TRP C 36 -20.39 23.04 -23.85
N VAL C 37 -19.23 22.75 -24.44
CA VAL C 37 -18.08 23.65 -24.46
C VAL C 37 -17.85 24.09 -25.90
N ARG C 38 -17.45 25.34 -26.08
CA ARG C 38 -17.26 25.95 -27.38
C ARG C 38 -15.86 26.50 -27.50
N GLN C 39 -15.27 26.39 -28.68
CA GLN C 39 -13.94 26.96 -28.93
C GLN C 39 -13.92 27.60 -30.32
N ALA C 40 -13.91 28.93 -30.37
CA ALA C 40 -13.81 29.62 -31.64
C ALA C 40 -12.37 29.60 -32.13
N PRO C 41 -12.14 29.67 -33.44
CA PRO C 41 -10.77 29.56 -33.95
C PRO C 41 -9.86 30.63 -33.36
N GLY C 42 -8.71 30.20 -32.86
CA GLY C 42 -7.75 31.10 -32.26
C GLY C 42 -8.08 31.54 -30.85
N GLN C 43 -9.07 30.94 -30.22
CA GLN C 43 -9.50 31.32 -28.89
C GLN C 43 -9.49 30.09 -27.97
N GLY C 44 -9.86 30.32 -26.71
CA GLY C 44 -9.83 29.29 -25.70
C GLY C 44 -11.15 28.54 -25.58
N LEU C 45 -11.27 27.79 -24.49
CA LEU C 45 -12.46 26.99 -24.22
C LEU C 45 -13.47 27.82 -23.43
N GLU C 46 -14.74 27.69 -23.80
CA GLU C 46 -15.81 28.48 -23.19
C GLU C 46 -16.97 27.56 -22.85
N TRP C 47 -17.34 27.53 -21.58
CA TRP C 47 -18.46 26.69 -21.12
C TRP C 47 -19.77 27.42 -21.41
N MET C 48 -20.66 26.77 -22.15
CA MET C 48 -21.91 27.40 -22.56
C MET C 48 -23.04 27.10 -21.59
N GLY C 49 -23.11 25.87 -21.10
CA GLY C 49 -24.20 25.45 -20.25
C GLY C 49 -24.16 23.95 -20.06
N GLY C 50 -25.11 23.47 -19.25
CA GLY C 50 -25.15 22.06 -18.96
C GLY C 50 -26.52 21.67 -18.42
N ILE C 51 -26.70 20.36 -18.26
CA ILE C 51 -27.97 19.82 -17.78
C ILE C 51 -27.71 18.49 -17.09
N ILE C 52 -28.58 18.14 -16.15
CA ILE C 52 -28.62 16.83 -15.51
C ILE C 52 -29.86 16.11 -16.03
N PRO C 53 -29.71 15.08 -16.86
CA PRO C 53 -30.89 14.46 -17.49
C PRO C 53 -31.93 13.96 -16.50
N LEU C 54 -31.51 13.55 -15.29
CA LEU C 54 -32.47 13.12 -14.28
C LEU C 54 -33.45 14.23 -13.92
N PHE C 55 -32.99 15.48 -13.92
CA PHE C 55 -33.81 16.61 -13.51
C PHE C 55 -34.33 17.43 -14.68
N GLY C 56 -33.61 17.45 -15.80
CA GLY C 56 -34.00 18.22 -16.95
C GLY C 56 -33.91 19.72 -16.78
N SER C 57 -33.28 20.19 -15.71
CA SER C 57 -33.16 21.62 -15.44
C SER C 57 -31.79 22.05 -15.94
N ALA C 58 -31.77 22.71 -17.10
CA ALA C 58 -30.53 23.18 -17.68
C ALA C 58 -30.09 24.50 -17.04
N ASN C 59 -28.79 24.71 -17.01
CA ASN C 59 -28.20 25.96 -16.55
C ASN C 59 -27.29 26.49 -17.65
N TYR C 60 -27.26 27.82 -17.81
CA TYR C 60 -26.56 28.43 -18.93
C TYR C 60 -25.66 29.56 -18.45
N ALA C 61 -24.51 29.70 -19.12
CA ALA C 61 -23.69 30.88 -18.92
C ALA C 61 -24.44 32.11 -19.43
N GLN C 62 -24.06 33.28 -18.90
CA GLN C 62 -24.77 34.50 -19.25
C GLN C 62 -24.64 34.82 -20.73
N LYS C 63 -23.46 34.58 -21.30
CA LYS C 63 -23.19 34.91 -22.69
C LYS C 63 -24.13 34.17 -23.64
N PHE C 64 -24.59 32.99 -23.27
CA PHE C 64 -25.37 32.13 -24.15
C PHE C 64 -26.82 31.98 -23.72
N GLN C 65 -27.25 32.74 -22.71
CA GLN C 65 -28.58 32.52 -22.14
C GLN C 65 -29.67 32.67 -23.18
N GLY C 66 -29.49 33.56 -24.15
CA GLY C 66 -30.56 33.91 -25.06
C GLY C 66 -30.82 32.88 -26.12
N ARG C 67 -29.76 32.50 -26.83
CA ARG C 67 -29.90 31.78 -28.07
C ARG C 67 -29.50 30.31 -27.99
N VAL C 68 -29.16 29.78 -26.82
CA VAL C 68 -28.73 28.39 -26.67
C VAL C 68 -29.72 27.66 -25.77
N THR C 69 -30.21 26.52 -26.23
CA THR C 69 -31.07 25.65 -25.44
C THR C 69 -30.48 24.25 -25.41
N ILE C 70 -30.36 23.70 -24.21
CA ILE C 70 -29.75 22.39 -24.01
C ILE C 70 -30.80 21.43 -23.49
N THR C 71 -30.98 20.32 -24.18
CA THR C 71 -31.98 19.31 -23.83
C THR C 71 -31.28 17.97 -23.65
N ALA C 72 -32.02 17.03 -23.07
CA ALA C 72 -31.48 15.70 -22.82
C ALA C 72 -32.62 14.69 -22.95
N ASP C 73 -32.29 13.54 -23.54
CA ASP C 73 -33.26 12.50 -23.85
C ASP C 73 -32.76 11.21 -23.22
N GLU C 74 -33.33 10.84 -22.07
CA GLU C 74 -32.86 9.65 -21.37
C GLU C 74 -33.19 8.38 -22.13
N SER C 75 -34.30 8.37 -22.88
CA SER C 75 -34.72 7.16 -23.58
C SER C 75 -33.69 6.74 -24.61
N THR C 76 -32.91 7.68 -25.14
CA THR C 76 -31.90 7.39 -26.14
C THR C 76 -30.50 7.81 -25.72
N SER C 77 -30.32 8.32 -24.51
CA SER C 77 -29.02 8.73 -23.99
C SER C 77 -28.33 9.74 -24.91
N THR C 78 -29.08 10.73 -25.36
CA THR C 78 -28.56 11.74 -26.28
C THR C 78 -28.81 13.12 -25.71
N ALA C 79 -27.78 13.96 -25.75
CA ALA C 79 -27.89 15.37 -25.39
C ALA C 79 -27.83 16.22 -26.64
N TYR C 80 -28.40 17.42 -26.55
CA TYR C 80 -28.51 18.31 -27.69
C TYR C 80 -28.19 19.73 -27.28
N MET C 81 -27.56 20.47 -28.20
CA MET C 81 -27.31 21.90 -28.05
C MET C 81 -27.86 22.58 -29.29
N GLU C 82 -28.93 23.35 -29.12
CA GLU C 82 -29.55 24.09 -30.21
C GLU C 82 -29.24 25.57 -30.05
N MET C 83 -28.65 26.18 -31.07
CA MET C 83 -28.31 27.60 -31.08
C MET C 83 -29.01 28.28 -32.24
N THR C 84 -29.83 29.29 -31.94
CA THR C 84 -30.57 30.02 -32.95
C THR C 84 -29.88 31.33 -33.30
N SER C 85 -30.33 31.94 -34.40
CA SER C 85 -29.85 33.24 -34.86
C SER C 85 -28.34 33.24 -35.02
N LEU C 86 -27.83 32.24 -35.72
CA LEU C 86 -26.39 32.04 -35.85
C LEU C 86 -25.75 33.23 -36.54
N ARG C 87 -24.57 33.60 -36.06
CA ARG C 87 -23.75 34.64 -36.65
C ARG C 87 -22.37 34.08 -36.94
N SER C 88 -21.59 34.82 -37.74
CA SER C 88 -20.25 34.36 -38.09
C SER C 88 -19.33 34.28 -36.88
N GLU C 89 -19.63 35.02 -35.81
CA GLU C 89 -18.89 34.87 -34.57
C GLU C 89 -19.19 33.56 -33.86
N ASP C 90 -20.23 32.84 -34.28
CA ASP C 90 -20.56 31.54 -33.72
C ASP C 90 -19.86 30.39 -34.43
N THR C 91 -19.02 30.69 -35.42
CA THR C 91 -18.19 29.66 -36.05
C THR C 91 -17.19 29.14 -35.02
N ALA C 92 -17.35 27.87 -34.64
CA ALA C 92 -16.52 27.29 -33.59
C ALA C 92 -16.67 25.78 -33.65
N VAL C 93 -15.86 25.10 -32.85
CA VAL C 93 -16.00 23.67 -32.60
C VAL C 93 -16.75 23.50 -31.28
N TYR C 94 -17.76 22.65 -31.28
CA TYR C 94 -18.64 22.48 -30.13
C TYR C 94 -18.47 21.09 -29.55
N TYR C 95 -18.07 21.02 -28.29
CA TYR C 95 -17.86 19.75 -27.60
C TYR C 95 -18.95 19.55 -26.55
N CYS C 96 -19.40 18.31 -26.40
CA CYS C 96 -20.12 17.91 -25.21
C CYS C 96 -19.13 17.27 -24.25
N ALA C 97 -19.16 17.72 -22.99
CA ALA C 97 -18.32 17.18 -21.93
C ALA C 97 -19.21 16.80 -20.75
N LYS C 98 -18.88 15.67 -20.13
CA LYS C 98 -19.78 15.05 -19.18
C LYS C 98 -19.02 14.56 -17.96
N VAL C 99 -19.62 14.74 -16.79
CA VAL C 99 -19.07 14.24 -15.53
C VAL C 99 -20.11 13.34 -14.89
N SER C 100 -19.73 12.11 -14.60
CA SER C 100 -20.59 11.20 -13.87
C SER C 100 -20.50 11.50 -12.38
N GLN C 101 -21.62 11.32 -11.68
CA GLN C 101 -21.62 11.53 -10.24
C GLN C 101 -20.75 10.52 -9.52
N TRP C 102 -20.34 9.44 -10.19
CA TRP C 102 -19.56 8.38 -9.59
C TRP C 102 -18.06 8.51 -9.81
N ALA C 103 -17.62 9.54 -10.53
CA ALA C 103 -16.19 9.73 -10.73
C ALA C 103 -15.91 11.21 -10.89
N LEU C 104 -14.62 11.55 -10.86
CA LEU C 104 -14.19 12.92 -11.03
C LEU C 104 -13.57 13.16 -12.41
N ILE C 105 -13.38 12.11 -13.20
CA ILE C 105 -12.87 12.26 -14.55
C ILE C 105 -13.95 12.88 -15.44
N LEU C 106 -13.52 13.55 -16.50
CA LEU C 106 -14.42 14.14 -17.48
C LEU C 106 -14.38 13.34 -18.77
N PHE C 107 -15.55 13.14 -19.36
CA PHE C 107 -15.69 12.43 -20.64
C PHE C 107 -16.04 13.43 -21.72
N TRP C 108 -15.32 13.37 -22.85
CA TRP C 108 -15.45 14.36 -23.90
C TRP C 108 -15.83 13.71 -25.23
N GLY C 109 -16.63 14.43 -26.01
CA GLY C 109 -16.87 14.06 -27.39
C GLY C 109 -15.73 14.49 -28.29
N GLN C 110 -15.89 14.21 -29.58
CA GLN C 110 -14.84 14.48 -30.56
C GLN C 110 -14.91 15.89 -31.13
N GLY C 111 -15.98 16.63 -30.84
CA GLY C 111 -16.11 17.98 -31.36
C GLY C 111 -16.90 18.03 -32.65
N THR C 112 -17.63 19.12 -32.82
CA THR C 112 -18.47 19.34 -33.99
C THR C 112 -18.18 20.74 -34.53
N LEU C 113 -17.59 20.79 -35.74
CA LEU C 113 -17.31 22.05 -36.39
C LEU C 113 -18.58 22.64 -36.97
N VAL C 114 -18.94 23.84 -36.52
CA VAL C 114 -20.09 24.57 -37.06
C VAL C 114 -19.56 25.83 -37.73
N THR C 115 -19.67 25.90 -39.05
CA THR C 115 -19.23 27.06 -39.82
C THR C 115 -20.44 27.86 -40.24
N VAL C 116 -20.46 29.14 -39.88
CA VAL C 116 -21.55 30.04 -40.25
C VAL C 116 -21.09 30.86 -41.44
N SER C 117 -21.66 30.56 -42.61
CA SER C 117 -21.27 31.21 -43.85
C SER C 117 -22.37 31.00 -44.88
N SER C 118 -22.46 31.93 -45.82
CA SER C 118 -23.49 31.87 -46.86
C SER C 118 -22.97 31.26 -48.15
N ALA C 119 -21.75 30.78 -48.17
CA ALA C 119 -21.13 30.30 -49.40
C ALA C 119 -21.42 28.82 -49.62
N SER C 120 -21.44 28.42 -50.89
CA SER C 120 -21.49 27.03 -51.28
C SER C 120 -20.07 26.51 -51.52
N THR C 121 -19.96 25.21 -51.78
CA THR C 121 -18.66 24.62 -52.07
C THR C 121 -18.07 25.24 -53.34
N LYS C 122 -16.86 25.77 -53.23
CA LYS C 122 -16.22 26.50 -54.31
C LYS C 122 -14.73 26.24 -54.30
N GLY C 123 -14.17 26.00 -55.49
CA GLY C 123 -12.75 25.84 -55.65
C GLY C 123 -12.02 27.18 -55.56
N PRO C 124 -10.73 27.14 -55.27
CA PRO C 124 -9.97 28.36 -55.08
C PRO C 124 -9.33 28.90 -56.36
N SER C 125 -9.27 30.22 -56.45
CA SER C 125 -8.40 30.88 -57.41
C SER C 125 -7.00 30.97 -56.82
N VAL C 126 -6.00 30.72 -57.65
CA VAL C 126 -4.60 30.69 -57.22
C VAL C 126 -3.86 31.78 -57.98
N PHE C 127 -3.34 32.76 -57.23
CA PHE C 127 -2.60 33.89 -57.79
C PHE C 127 -1.15 33.84 -57.33
N PRO C 128 -0.21 34.26 -58.19
CA PRO C 128 1.20 34.21 -57.81
C PRO C 128 1.59 35.36 -56.89
N LEU C 129 2.51 35.06 -55.99
CA LEU C 129 3.22 36.05 -55.18
C LEU C 129 4.64 36.11 -55.74
N ALA C 130 4.82 36.92 -56.77
CA ALA C 130 6.04 36.87 -57.56
C ALA C 130 7.22 37.43 -56.77
N PRO C 131 8.40 36.82 -56.89
CA PRO C 131 9.58 37.34 -56.19
C PRO C 131 10.02 38.68 -56.76
N SER C 132 10.43 39.58 -55.88
CA SER C 132 10.81 40.93 -56.27
C SER C 132 12.22 40.95 -56.86
N SER C 133 12.42 41.83 -57.83
CA SER C 133 13.75 41.96 -58.42
C SER C 133 14.68 42.77 -57.51
N LYS C 134 14.13 43.72 -56.76
CA LYS C 134 14.92 44.56 -55.87
C LYS C 134 14.78 44.06 -54.43
N GLY C 139 20.19 38.34 -50.13
CA GLY C 139 20.66 37.16 -50.83
C GLY C 139 19.59 36.09 -51.05
N THR C 140 18.50 36.17 -50.28
CA THR C 140 17.38 35.27 -50.41
C THR C 140 16.15 36.04 -50.87
N ALA C 141 15.34 35.40 -51.72
CA ALA C 141 14.13 35.99 -52.24
C ALA C 141 12.93 35.17 -51.78
N ALA C 142 11.77 35.80 -51.76
CA ALA C 142 10.54 35.16 -51.30
C ALA C 142 9.53 35.10 -52.44
N LEU C 143 8.92 33.94 -52.61
CA LEU C 143 7.85 33.75 -53.57
C LEU C 143 6.75 32.93 -52.92
N GLY C 144 5.54 33.02 -53.47
CA GLY C 144 4.44 32.30 -52.87
C GLY C 144 3.24 32.23 -53.77
N CYS C 145 2.19 31.61 -53.24
CA CYS C 145 0.90 31.46 -53.91
C CYS C 145 -0.19 31.96 -52.99
N LEU C 146 -1.10 32.76 -53.55
CA LEU C 146 -2.29 33.21 -52.83
C LEU C 146 -3.44 32.31 -53.29
N VAL C 147 -3.92 31.47 -52.37
CA VAL C 147 -5.03 30.57 -52.64
C VAL C 147 -6.27 31.21 -52.04
N LYS C 148 -7.07 31.85 -52.90
CA LYS C 148 -8.13 32.75 -52.47
C LYS C 148 -9.50 32.24 -52.90
N ASP C 149 -10.49 32.44 -52.02
CA ASP C 149 -11.91 32.26 -52.32
C ASP C 149 -12.26 30.79 -52.56
N TYR C 150 -12.10 29.96 -51.53
CA TYR C 150 -12.54 28.58 -51.59
C TYR C 150 -13.40 28.26 -50.37
N PHE C 151 -14.18 27.18 -50.51
CA PHE C 151 -15.06 26.73 -49.44
C PHE C 151 -15.41 25.27 -49.69
N PRO C 152 -15.36 24.41 -48.67
CA PRO C 152 -14.89 24.74 -47.33
C PRO C 152 -13.42 24.36 -47.13
N GLU C 153 -13.00 24.25 -45.88
CA GLU C 153 -11.69 23.73 -45.58
C GLU C 153 -11.63 22.24 -45.89
N PRO C 154 -10.44 21.70 -46.16
CA PRO C 154 -9.15 22.40 -46.29
C PRO C 154 -8.63 22.42 -47.71
N VAL C 155 -7.48 23.07 -47.90
CA VAL C 155 -6.72 22.94 -49.14
C VAL C 155 -5.33 22.47 -48.77
N THR C 156 -4.70 21.75 -49.70
CA THR C 156 -3.33 21.30 -49.55
C THR C 156 -2.47 22.02 -50.55
N VAL C 157 -1.33 22.53 -50.11
CA VAL C 157 -0.37 23.22 -50.96
C VAL C 157 0.96 22.49 -50.87
N SER C 158 1.50 22.09 -52.02
CA SER C 158 2.86 21.60 -52.13
C SER C 158 3.60 22.44 -53.16
N TRP C 159 4.91 22.31 -53.17
CA TRP C 159 5.77 23.05 -54.09
C TRP C 159 6.60 22.08 -54.91
N ASN C 160 6.52 22.21 -56.23
CA ASN C 160 7.25 21.35 -57.17
C ASN C 160 6.96 19.88 -56.90
N SER C 161 5.68 19.58 -56.66
CA SER C 161 5.21 18.21 -56.45
C SER C 161 5.89 17.55 -55.26
N GLY C 162 6.09 18.32 -54.18
CA GLY C 162 6.71 17.80 -52.99
C GLY C 162 8.22 17.77 -53.01
N ALA C 163 8.86 18.14 -54.12
CA ALA C 163 10.32 18.15 -54.21
C ALA C 163 10.94 19.34 -53.48
N LEU C 164 10.16 20.37 -53.17
CA LEU C 164 10.65 21.56 -52.46
C LEU C 164 9.91 21.66 -51.14
N THR C 165 10.58 21.29 -50.05
CA THR C 165 9.96 21.37 -48.73
C THR C 165 10.63 22.37 -47.80
N SER C 166 11.90 22.70 -48.02
CA SER C 166 12.62 23.61 -47.14
C SER C 166 12.17 25.04 -47.36
N GLY C 167 11.96 25.76 -46.26
CA GLY C 167 11.57 27.16 -46.31
C GLY C 167 10.12 27.43 -46.64
N VAL C 168 9.30 26.40 -46.76
CA VAL C 168 7.89 26.59 -47.12
C VAL C 168 7.09 26.89 -45.87
N HIS C 169 6.32 27.98 -45.90
CA HIS C 169 5.41 28.36 -44.82
C HIS C 169 4.01 28.48 -45.41
N THR C 170 3.17 27.48 -45.16
CA THR C 170 1.77 27.54 -45.55
C THR C 170 0.98 28.03 -44.34
N PHE C 171 0.41 29.22 -44.44
CA PHE C 171 -0.26 29.82 -43.30
C PHE C 171 -1.67 29.27 -43.13
N PRO C 172 -2.16 29.18 -41.90
CA PRO C 172 -3.54 28.77 -41.70
C PRO C 172 -4.51 29.72 -42.38
N ALA C 173 -5.58 29.17 -42.93
CA ALA C 173 -6.55 29.96 -43.66
C ALA C 173 -7.31 30.90 -42.72
N VAL C 174 -7.86 31.97 -43.30
CA VAL C 174 -8.71 32.91 -42.59
C VAL C 174 -10.08 32.91 -43.26
N LEU C 175 -11.12 33.01 -42.44
CA LEU C 175 -12.48 33.11 -42.94
C LEU C 175 -12.75 34.59 -43.23
N GLN C 176 -12.73 34.96 -44.51
CA GLN C 176 -12.95 36.33 -44.91
C GLN C 176 -14.40 36.73 -44.64
N SER C 177 -14.67 38.04 -44.70
CA SER C 177 -16.02 38.53 -44.48
C SER C 177 -17.00 37.99 -45.51
N SER C 178 -16.51 37.61 -46.69
CA SER C 178 -17.36 37.05 -47.73
C SER C 178 -17.85 35.65 -47.41
N GLY C 179 -17.29 34.99 -46.40
CA GLY C 179 -17.61 33.62 -46.10
C GLY C 179 -16.73 32.60 -46.78
N LEU C 180 -15.82 33.03 -47.65
CA LEU C 180 -14.88 32.16 -48.33
C LEU C 180 -13.54 32.20 -47.63
N TYR C 181 -12.78 31.11 -47.76
CA TYR C 181 -11.50 31.03 -47.11
C TYR C 181 -10.39 31.55 -48.02
N SER C 182 -9.26 31.86 -47.40
CA SER C 182 -8.11 32.37 -48.12
C SER C 182 -6.86 32.05 -47.31
N LEU C 183 -5.82 31.58 -47.98
CA LEU C 183 -4.54 31.37 -47.31
C LEU C 183 -3.41 31.62 -48.30
N SER C 184 -2.25 31.95 -47.74
CA SER C 184 -1.04 32.13 -48.52
C SER C 184 -0.05 31.02 -48.16
N SER C 185 0.74 30.60 -49.15
CA SER C 185 1.85 29.69 -48.93
C SER C 185 3.07 30.27 -49.61
N VAL C 186 4.12 30.56 -48.84
CA VAL C 186 5.31 31.21 -49.35
C VAL C 186 6.49 30.27 -49.17
N VAL C 187 7.60 30.62 -49.83
CA VAL C 187 8.86 29.92 -49.63
C VAL C 187 9.98 30.89 -49.98
N THR C 188 11.08 30.76 -49.24
CA THR C 188 12.27 31.59 -49.45
C THR C 188 13.35 30.74 -50.11
N VAL C 189 13.87 31.23 -51.23
CA VAL C 189 14.89 30.51 -52.00
C VAL C 189 16.07 31.45 -52.21
N PRO C 190 17.22 30.95 -52.66
CA PRO C 190 18.32 31.86 -53.03
C PRO C 190 17.92 32.71 -54.22
N SER C 191 18.21 34.01 -54.11
CA SER C 191 17.90 34.92 -55.21
C SER C 191 18.70 34.59 -56.46
N SER C 192 19.80 33.85 -56.32
CA SER C 192 20.61 33.48 -57.48
C SER C 192 19.93 32.44 -58.35
N SER C 193 19.01 31.65 -57.79
CA SER C 193 18.35 30.59 -58.54
C SER C 193 17.00 31.02 -59.09
N LEU C 194 16.65 32.30 -59.00
CA LEU C 194 15.33 32.76 -59.44
C LEU C 194 15.17 32.58 -60.96
N GLY C 195 16.23 32.85 -61.72
CA GLY C 195 16.19 32.69 -63.15
C GLY C 195 16.45 31.28 -63.65
N THR C 196 16.97 30.39 -62.80
CA THR C 196 17.35 29.04 -63.21
C THR C 196 16.38 27.97 -62.74
N GLN C 197 15.85 28.11 -61.54
CA GLN C 197 14.97 27.11 -60.95
C GLN C 197 13.51 27.48 -61.18
N THR C 198 12.71 26.49 -61.55
CA THR C 198 11.28 26.67 -61.76
C THR C 198 10.51 26.33 -60.47
N TYR C 199 9.61 27.22 -60.08
CA TYR C 199 8.84 27.07 -58.85
C TYR C 199 7.36 27.00 -59.18
N ILE C 200 6.72 25.88 -58.80
CA ILE C 200 5.30 25.66 -59.05
C ILE C 200 4.65 25.18 -57.76
N CYS C 201 3.58 25.85 -57.36
CA CYS C 201 2.81 25.44 -56.19
C CYS C 201 1.63 24.59 -56.64
N ASN C 202 1.43 23.47 -55.98
CA ASN C 202 0.37 22.53 -56.32
C ASN C 202 -0.72 22.64 -55.27
N VAL C 203 -1.86 23.21 -55.66
CA VAL C 203 -3.01 23.36 -54.77
C VAL C 203 -4.02 22.27 -55.09
N ASN C 204 -4.44 21.55 -54.07
CA ASN C 204 -5.48 20.54 -54.20
C ASN C 204 -6.61 20.89 -53.24
N HIS C 205 -7.84 20.85 -53.74
CA HIS C 205 -9.04 21.14 -52.96
C HIS C 205 -10.02 20.00 -53.18
N LYS C 206 -9.96 19.00 -52.30
CA LYS C 206 -10.77 17.78 -52.51
C LYS C 206 -12.27 18.02 -52.46
N PRO C 207 -12.83 18.89 -51.61
CA PRO C 207 -14.29 19.10 -51.65
C PRO C 207 -14.83 19.49 -53.01
N SER C 208 -14.10 20.30 -53.78
CA SER C 208 -14.56 20.74 -55.09
C SER C 208 -13.89 19.99 -56.23
N ASN C 209 -13.00 19.02 -55.93
CA ASN C 209 -12.27 18.26 -56.95
C ASN C 209 -11.48 19.20 -57.86
N THR C 210 -10.68 20.06 -57.25
CA THR C 210 -9.94 21.10 -57.95
C THR C 210 -8.45 20.92 -57.74
N LYS C 211 -7.72 20.71 -58.83
CA LYS C 211 -6.26 20.69 -58.82
C LYS C 211 -5.75 21.83 -59.68
N VAL C 212 -4.91 22.67 -59.11
CA VAL C 212 -4.35 23.82 -59.83
C VAL C 212 -2.87 23.90 -59.54
N ASP C 213 -2.05 23.89 -60.59
CA ASP C 213 -0.62 24.11 -60.51
C ASP C 213 -0.32 25.48 -61.09
N LYS C 214 0.23 26.37 -60.28
CA LYS C 214 0.53 27.73 -60.70
C LYS C 214 2.03 27.94 -60.73
N LYS C 215 2.53 28.46 -61.85
CA LYS C 215 3.95 28.77 -62.02
C LYS C 215 4.21 30.18 -61.53
N VAL C 216 5.09 30.32 -60.55
CA VAL C 216 5.41 31.61 -59.96
C VAL C 216 6.73 32.08 -60.55
N GLU C 217 6.66 33.09 -61.41
CA GLU C 217 7.82 33.60 -62.12
C GLU C 217 8.13 35.03 -61.70
N PRO C 218 9.38 35.46 -61.81
CA PRO C 218 9.73 36.83 -61.46
C PRO C 218 9.02 37.85 -62.35
N LYS C 219 8.75 39.02 -61.78
CA LYS C 219 8.11 40.10 -62.51
C LYS C 219 9.09 40.85 -63.39
N SER D 2 -5.07 -31.98 19.08
CA SER D 2 -4.34 -30.96 18.30
C SER D 2 -5.05 -30.58 17.00
N VAL D 3 -5.41 -29.29 16.86
CA VAL D 3 -6.08 -28.83 15.64
C VAL D 3 -5.07 -28.57 14.52
N VAL D 4 -3.88 -28.06 14.84
CA VAL D 4 -2.83 -27.80 13.87
C VAL D 4 -1.83 -28.94 13.95
N THR D 5 -1.77 -29.76 12.91
CA THR D 5 -0.83 -30.87 12.90
C THR D 5 0.59 -30.38 12.63
N GLN D 6 1.56 -31.19 13.04
CA GLN D 6 2.96 -30.86 12.91
C GLN D 6 3.77 -32.16 12.95
N PRO D 7 4.70 -32.36 12.03
CA PRO D 7 5.50 -33.59 12.05
C PRO D 7 6.25 -33.71 13.38
N PRO D 8 6.17 -34.88 14.04
CA PRO D 8 6.77 -34.99 15.38
C PRO D 8 8.26 -34.71 15.40
N SER D 9 8.99 -35.05 14.34
CA SER D 9 10.43 -34.85 14.31
C SER D 9 10.86 -34.29 12.97
N ALA D 10 12.10 -33.80 12.93
CA ALA D 10 12.74 -33.31 11.71
C ALA D 10 14.24 -33.38 11.93
N SER D 11 14.99 -33.25 10.84
CA SER D 11 16.44 -33.35 10.96
C SER D 11 17.10 -32.59 9.83
N GLY D 12 18.39 -32.30 10.03
CA GLY D 12 19.20 -31.64 9.03
C GLY D 12 20.64 -31.66 9.47
N SER D 13 21.53 -31.44 8.50
CA SER D 13 22.96 -31.53 8.77
C SER D 13 23.53 -30.19 9.18
N LEU D 14 24.57 -30.24 10.01
CA LEU D 14 25.25 -29.05 10.49
C LEU D 14 25.67 -28.17 9.32
N GLY D 15 25.19 -26.93 9.32
CA GLY D 15 25.49 -25.99 8.25
C GLY D 15 24.50 -25.99 7.11
N GLN D 16 23.64 -26.98 7.03
CA GLN D 16 22.64 -27.07 5.96
C GLN D 16 21.33 -26.45 6.45
N SER D 17 20.24 -26.74 5.77
CA SER D 17 18.94 -26.19 6.07
C SER D 17 17.96 -27.29 6.44
N VAL D 18 16.83 -26.88 7.03
CA VAL D 18 15.75 -27.78 7.40
C VAL D 18 14.47 -26.95 7.41
N THR D 19 13.36 -27.57 7.01
CA THR D 19 12.06 -26.92 6.98
C THR D 19 11.09 -27.67 7.89
N ILE D 20 10.34 -26.93 8.70
CA ILE D 20 9.37 -27.47 9.64
C ILE D 20 8.00 -26.92 9.25
N SER D 21 7.10 -27.79 8.80
CA SER D 21 5.80 -27.37 8.32
C SER D 21 4.78 -27.35 9.47
N CYS D 22 3.67 -26.68 9.22
CA CYS D 22 2.65 -26.44 10.22
C CYS D 22 1.32 -26.31 9.48
N THR D 23 0.50 -27.36 9.52
CA THR D 23 -0.70 -27.44 8.70
C THR D 23 -1.93 -27.30 9.60
N GLY D 24 -2.70 -26.25 9.37
CA GLY D 24 -3.93 -26.02 10.09
C GLY D 24 -5.15 -26.03 9.19
N THR D 25 -6.12 -25.18 9.46
CA THR D 25 -7.34 -25.09 8.67
C THR D 25 -7.53 -23.67 8.15
N SER D 26 -8.61 -23.48 7.38
CA SER D 26 -8.92 -22.17 6.83
C SER D 26 -9.44 -21.19 7.88
N SER D 27 -9.67 -21.63 9.11
CA SER D 27 -10.12 -20.72 10.17
C SER D 27 -9.02 -20.26 11.11
N ASP D 28 -7.83 -20.84 11.02
CA ASP D 28 -6.70 -20.38 11.83
C ASP D 28 -5.50 -20.04 10.95
N VAL D 29 -4.68 -21.04 10.64
CA VAL D 29 -3.47 -20.79 9.83
C VAL D 29 -3.84 -20.24 8.47
N GLY D 30 -4.87 -20.80 7.83
CA GLY D 30 -5.28 -20.33 6.53
C GLY D 30 -6.22 -19.14 6.52
N GLY D 31 -6.68 -18.70 7.69
CA GLY D 31 -7.62 -17.60 7.75
C GLY D 31 -7.00 -16.23 7.95
N TYR D 32 -5.77 -16.20 8.47
CA TYR D 32 -5.08 -14.94 8.75
C TYR D 32 -3.61 -15.10 8.40
N ASN D 33 -2.92 -13.96 8.37
CA ASN D 33 -1.46 -13.94 8.29
C ASN D 33 -0.83 -13.71 9.66
N TYR D 34 -1.36 -14.35 10.70
CA TYR D 34 -0.87 -14.19 12.07
C TYR D 34 -0.30 -15.51 12.58
N VAL D 35 0.65 -16.09 11.87
CA VAL D 35 1.31 -17.32 12.27
C VAL D 35 2.63 -16.97 12.97
N SER D 36 2.82 -17.50 14.16
CA SER D 36 4.04 -17.31 14.94
C SER D 36 4.78 -18.63 15.09
N TRP D 37 6.05 -18.54 15.42
CA TRP D 37 6.88 -19.71 15.67
C TRP D 37 7.61 -19.54 17.00
N TYR D 38 7.73 -20.64 17.74
CA TYR D 38 8.36 -20.63 19.05
C TYR D 38 9.44 -21.68 19.13
N GLN D 39 10.53 -21.34 19.79
CA GLN D 39 11.62 -22.27 20.07
C GLN D 39 11.67 -22.53 21.58
N GLN D 40 11.72 -23.81 21.96
CA GLN D 40 11.78 -24.19 23.37
C GLN D 40 12.94 -25.15 23.57
N HIS D 41 13.98 -24.67 24.24
CA HIS D 41 15.05 -25.56 24.68
C HIS D 41 14.63 -26.28 25.95
N PRO D 42 15.17 -27.48 26.20
CA PRO D 42 14.75 -28.25 27.37
C PRO D 42 15.00 -27.48 28.66
N GLY D 43 13.95 -27.35 29.47
CA GLY D 43 14.03 -26.67 30.74
C GLY D 43 13.84 -25.18 30.69
N LYS D 44 13.45 -24.62 29.55
CA LYS D 44 13.27 -23.18 29.43
C LYS D 44 11.91 -22.88 28.79
N ALA D 45 11.45 -21.66 29.02
CA ALA D 45 10.20 -21.21 28.42
C ALA D 45 10.36 -21.09 26.91
N PRO D 46 9.26 -21.16 26.17
CA PRO D 46 9.33 -20.94 24.72
C PRO D 46 9.83 -19.54 24.39
N LYS D 47 10.66 -19.46 23.35
CA LYS D 47 11.19 -18.20 22.84
C LYS D 47 10.51 -17.88 21.51
N LEU D 48 10.08 -16.63 21.35
CA LEU D 48 9.45 -16.20 20.10
C LEU D 48 10.50 -15.99 19.03
N MET D 49 10.34 -16.66 17.89
CA MET D 49 11.29 -16.56 16.78
C MET D 49 10.71 -15.86 15.57
N ILE D 50 9.42 -16.03 15.30
CA ILE D 50 8.76 -15.49 14.12
C ILE D 50 7.37 -15.03 14.53
N PHE D 51 6.91 -13.92 13.94
CA PHE D 51 5.53 -13.48 14.08
C PHE D 51 5.08 -12.87 12.76
N GLU D 52 3.77 -12.86 12.55
CA GLU D 52 3.16 -12.43 11.29
C GLU D 52 3.80 -13.14 10.10
N VAL D 53 3.89 -14.47 10.22
CA VAL D 53 4.35 -15.38 9.16
C VAL D 53 5.86 -15.32 8.97
N SER D 54 6.43 -14.12 8.86
CA SER D 54 7.82 -14.01 8.42
C SER D 54 8.68 -13.00 9.15
N LYS D 55 8.11 -12.19 10.04
CA LYS D 55 8.87 -11.15 10.73
C LYS D 55 9.61 -11.71 11.94
N ARG D 56 10.83 -11.23 12.16
CA ARG D 56 11.67 -11.70 13.25
C ARG D 56 11.74 -10.67 14.36
N PRO D 57 11.58 -11.06 15.62
CA PRO D 57 11.82 -10.13 16.71
C PRO D 57 13.28 -9.71 16.75
N SER D 58 13.53 -8.62 17.44
CA SER D 58 14.90 -8.16 17.62
C SER D 58 15.69 -9.22 18.39
N GLY D 59 16.80 -9.66 17.80
CA GLY D 59 17.67 -10.65 18.42
C GLY D 59 17.58 -12.04 17.86
N VAL D 60 16.75 -12.27 16.85
CA VAL D 60 16.59 -13.59 16.23
C VAL D 60 17.37 -13.58 14.92
N PRO D 61 18.34 -14.47 14.72
CA PRO D 61 19.21 -14.38 13.54
C PRO D 61 18.43 -14.59 12.25
N ASP D 62 19.02 -14.09 11.16
CA ASP D 62 18.40 -14.22 9.84
C ASP D 62 18.44 -15.65 9.32
N ARG D 63 18.99 -16.60 10.08
CA ARG D 63 18.91 -18.01 9.71
C ARG D 63 17.50 -18.56 9.79
N PHE D 64 16.63 -17.90 10.56
CA PHE D 64 15.24 -18.33 10.72
C PHE D 64 14.36 -17.48 9.82
N SER D 65 13.62 -18.13 8.93
CA SER D 65 12.69 -17.44 8.04
C SER D 65 11.40 -18.24 7.98
N GLY D 66 10.28 -17.53 7.89
CA GLY D 66 8.98 -18.15 7.86
C GLY D 66 8.21 -17.79 6.62
N SER D 67 7.37 -18.71 6.17
CA SER D 67 6.52 -18.47 5.01
C SER D 67 5.21 -19.20 5.22
N LYS D 68 4.27 -18.97 4.31
CA LYS D 68 2.96 -19.59 4.40
C LYS D 68 2.39 -19.75 3.01
N SER D 69 1.66 -20.84 2.80
CA SER D 69 1.03 -21.14 1.51
C SER D 69 -0.22 -21.97 1.80
N GLY D 70 -1.34 -21.29 2.00
CA GLY D 70 -2.60 -21.97 2.22
C GLY D 70 -2.82 -22.20 3.70
N ASN D 71 -3.13 -23.45 4.05
CA ASN D 71 -3.28 -23.84 5.44
C ASN D 71 -1.98 -24.34 6.06
N THR D 72 -0.86 -24.20 5.35
CA THR D 72 0.41 -24.77 5.78
C THR D 72 1.45 -23.66 5.89
N ALA D 73 1.90 -23.40 7.12
CA ALA D 73 3.02 -22.50 7.37
C ALA D 73 4.31 -23.30 7.49
N SER D 74 5.43 -22.62 7.30
CA SER D 74 6.73 -23.26 7.29
C SER D 74 7.77 -22.38 7.95
N LEU D 75 8.74 -23.01 8.58
CA LEU D 75 9.87 -22.34 9.20
C LEU D 75 11.13 -22.95 8.63
N THR D 76 12.05 -22.11 8.18
CA THR D 76 13.30 -22.57 7.58
C THR D 76 14.46 -22.08 8.41
N VAL D 77 15.28 -23.02 8.88
CA VAL D 77 16.51 -22.72 9.61
C VAL D 77 17.67 -23.11 8.71
N SER D 78 18.46 -22.12 8.31
CA SER D 78 19.66 -22.36 7.53
C SER D 78 20.89 -22.22 8.42
N GLY D 79 22.03 -22.65 7.89
CA GLY D 79 23.26 -22.66 8.66
C GLY D 79 23.07 -23.35 9.98
N LEU D 80 22.62 -24.61 9.93
CA LEU D 80 22.25 -25.34 11.13
C LEU D 80 23.42 -25.42 12.11
N GLN D 81 23.14 -25.05 13.35
CA GLN D 81 24.11 -25.08 14.43
C GLN D 81 23.61 -26.02 15.52
N ALA D 82 24.50 -26.30 16.48
CA ALA D 82 24.16 -27.26 17.53
C ALA D 82 23.05 -26.74 18.44
N GLU D 83 23.10 -25.45 18.80
CA GLU D 83 22.09 -24.89 19.70
C GLU D 83 20.71 -24.87 19.06
N ASP D 84 20.61 -25.03 17.73
CA ASP D 84 19.32 -25.06 17.06
C ASP D 84 18.49 -26.28 17.46
N GLU D 85 19.12 -27.29 18.05
CA GLU D 85 18.42 -28.49 18.50
C GLU D 85 17.47 -28.13 19.64
N ALA D 86 16.16 -28.23 19.38
CA ALA D 86 15.12 -27.79 20.31
C ALA D 86 13.77 -28.28 19.81
N ASP D 87 12.72 -27.91 20.53
CA ASP D 87 11.34 -28.09 20.06
C ASP D 87 10.87 -26.82 19.38
N TYR D 88 10.09 -26.98 18.31
CA TYR D 88 9.55 -25.85 17.56
C TYR D 88 8.03 -26.01 17.42
N TYR D 89 7.29 -25.02 17.90
CA TYR D 89 5.84 -24.99 17.79
C TYR D 89 5.42 -23.81 16.93
N CYS D 90 4.35 -23.99 16.14
CA CYS D 90 3.73 -22.87 15.44
C CYS D 90 2.48 -22.43 16.19
N SER D 91 2.14 -21.17 16.02
CA SER D 91 0.98 -20.56 16.66
C SER D 91 0.21 -19.77 15.61
N SER D 92 -1.10 -19.68 15.82
CA SER D 92 -1.94 -18.94 14.88
C SER D 92 -3.16 -18.41 15.59
N TYR D 93 -3.51 -17.17 15.30
CA TYR D 93 -4.79 -16.63 15.70
C TYR D 93 -5.92 -17.48 15.11
N ALA D 94 -7.03 -17.55 15.84
CA ALA D 94 -8.15 -18.36 15.39
C ALA D 94 -9.51 -17.70 15.67
N GLY D 95 -9.53 -16.38 15.82
CA GLY D 95 -10.77 -15.68 16.11
C GLY D 95 -11.10 -15.69 17.59
N ASN D 96 -10.67 -14.65 18.30
CA ASN D 96 -10.86 -14.53 19.74
C ASN D 96 -10.25 -15.72 20.50
N LYS D 97 -9.21 -16.32 19.95
CA LYS D 97 -8.52 -17.45 20.54
C LYS D 97 -7.25 -17.70 19.73
N GLY D 98 -6.48 -18.71 20.13
CA GLY D 98 -5.32 -19.13 19.39
C GLY D 98 -5.18 -20.64 19.44
N VAL D 99 -4.19 -21.15 18.73
CA VAL D 99 -3.96 -22.59 18.67
C VAL D 99 -2.48 -22.83 18.36
N PHE D 100 -1.93 -23.89 18.96
CA PHE D 100 -0.55 -24.28 18.73
C PHE D 100 -0.48 -25.60 17.95
N GLY D 101 0.56 -25.72 17.14
CA GLY D 101 0.83 -26.99 16.48
C GLY D 101 1.28 -28.05 17.48
N GLY D 102 1.27 -29.30 17.01
CA GLY D 102 1.64 -30.41 17.88
C GLY D 102 3.08 -30.33 18.34
N GLY D 103 3.94 -29.75 17.54
CA GLY D 103 5.33 -29.57 17.90
C GLY D 103 6.25 -30.47 17.09
N THR D 104 7.50 -30.03 16.93
CA THR D 104 8.49 -30.75 16.15
C THR D 104 9.81 -30.72 16.89
N LYS D 105 10.45 -31.88 17.02
CA LYS D 105 11.76 -31.99 17.65
C LYS D 105 12.82 -32.05 16.57
N LEU D 106 13.68 -31.03 16.53
CA LEU D 106 14.71 -30.92 15.51
C LEU D 106 16.00 -31.56 15.98
N THR D 107 16.57 -32.43 15.14
CA THR D 107 17.87 -33.04 15.39
C THR D 107 18.86 -32.53 14.35
N VAL D 108 19.98 -31.98 14.81
CA VAL D 108 21.04 -31.49 13.93
C VAL D 108 22.09 -32.58 13.80
N LEU D 109 22.15 -33.21 12.64
CA LEU D 109 23.09 -34.29 12.39
C LEU D 109 24.46 -33.72 12.01
N GLY D 110 25.45 -34.60 11.92
CA GLY D 110 26.79 -34.19 11.59
C GLY D 110 27.59 -33.59 12.74
N GLN D 111 27.19 -33.85 13.97
CA GLN D 111 27.91 -33.30 15.11
C GLN D 111 29.03 -34.23 15.53
N PRO D 112 30.07 -33.68 16.16
CA PRO D 112 31.12 -34.54 16.75
C PRO D 112 30.55 -35.31 17.92
N LYS D 113 30.86 -36.61 17.97
CA LYS D 113 30.47 -37.41 19.12
C LYS D 113 31.29 -37.02 20.34
N ALA D 114 30.64 -37.04 21.50
CA ALA D 114 31.29 -36.76 22.77
C ALA D 114 31.02 -37.92 23.71
N ASN D 115 32.08 -38.46 24.29
CA ASN D 115 31.91 -39.55 25.24
C ASN D 115 31.50 -39.02 26.61
N PRO D 116 30.81 -39.83 27.41
CA PRO D 116 30.28 -39.34 28.68
C PRO D 116 31.31 -39.29 29.79
N THR D 117 31.05 -38.40 30.74
CA THR D 117 31.75 -38.37 32.02
C THR D 117 30.91 -39.13 33.04
N VAL D 118 31.55 -40.02 33.79
CA VAL D 118 30.86 -40.92 34.70
C VAL D 118 31.44 -40.77 36.10
N THR D 119 30.57 -40.60 37.09
CA THR D 119 30.95 -40.53 38.49
C THR D 119 30.11 -41.54 39.27
N LEU D 120 30.77 -42.44 40.00
CA LEU D 120 30.09 -43.49 40.75
C LEU D 120 30.26 -43.23 42.24
N PHE D 121 29.14 -43.14 42.96
CA PHE D 121 29.16 -42.89 44.39
C PHE D 121 28.76 -44.13 45.16
N PRO D 122 29.46 -44.45 46.23
CA PRO D 122 29.03 -45.54 47.12
C PRO D 122 27.89 -45.07 48.01
N PRO D 123 27.24 -45.98 48.73
CA PRO D 123 26.23 -45.56 49.69
C PRO D 123 26.84 -44.71 50.79
N SER D 124 26.11 -43.67 51.18
CA SER D 124 26.56 -42.82 52.28
C SER D 124 26.44 -43.56 53.60
N SER D 125 27.23 -43.12 54.58
CA SER D 125 27.14 -43.73 55.90
C SER D 125 25.80 -43.44 56.57
N GLU D 126 25.16 -42.32 56.20
CA GLU D 126 23.85 -42.01 56.77
C GLU D 126 22.79 -42.99 56.26
N GLU D 127 22.88 -43.37 54.98
CA GLU D 127 21.90 -44.31 54.43
C GLU D 127 22.12 -45.71 54.98
N LEU D 128 23.38 -46.14 55.09
CA LEU D 128 23.66 -47.46 55.66
C LEU D 128 23.14 -47.56 57.09
N GLN D 129 23.30 -46.48 57.88
CA GLN D 129 22.77 -46.45 59.22
C GLN D 129 21.25 -46.55 59.24
N ALA D 130 20.59 -46.25 58.12
CA ALA D 130 19.15 -46.37 58.00
C ALA D 130 18.74 -47.69 57.32
N ASN D 131 19.61 -48.69 57.34
CA ASN D 131 19.33 -50.01 56.77
C ASN D 131 18.97 -49.92 55.29
N LYS D 132 19.63 -49.01 54.58
CA LYS D 132 19.45 -48.84 53.14
C LYS D 132 20.79 -48.62 52.48
N ALA D 133 20.85 -48.89 51.18
CA ALA D 133 22.05 -48.68 50.39
C ALA D 133 21.65 -48.37 48.96
N THR D 134 22.21 -47.30 48.39
CA THR D 134 21.92 -46.89 47.03
C THR D 134 23.22 -46.47 46.34
N LEU D 135 23.60 -47.18 45.30
CA LEU D 135 24.70 -46.76 44.44
C LEU D 135 24.19 -45.77 43.41
N VAL D 136 24.97 -44.72 43.15
CA VAL D 136 24.56 -43.64 42.27
C VAL D 136 25.60 -43.49 41.16
N CYS D 137 25.14 -43.59 39.91
CA CYS D 137 26.02 -43.53 38.74
C CYS D 137 25.55 -42.39 37.85
N LEU D 138 26.34 -41.32 37.76
CA LEU D 138 25.93 -40.11 37.07
C LEU D 138 26.70 -39.97 35.77
N ILE D 139 25.97 -39.76 34.68
CA ILE D 139 26.50 -39.78 33.32
C ILE D 139 26.17 -38.44 32.67
N SER D 140 27.19 -37.75 32.16
CA SER D 140 26.97 -36.39 31.67
C SER D 140 27.87 -36.11 30.48
N ASP D 141 27.53 -35.02 29.78
CA ASP D 141 28.38 -34.39 28.75
C ASP D 141 28.60 -35.28 27.53
N PHE D 142 27.63 -36.12 27.15
CA PHE D 142 27.79 -37.01 26.01
C PHE D 142 26.79 -36.70 24.91
N TYR D 143 27.15 -37.15 23.69
CA TYR D 143 26.33 -36.92 22.51
C TYR D 143 26.75 -37.94 21.48
N PRO D 144 25.81 -38.61 20.81
CA PRO D 144 24.35 -38.47 20.95
C PRO D 144 23.78 -39.10 22.22
N GLY D 145 22.44 -39.11 22.36
CA GLY D 145 21.78 -39.48 23.60
C GLY D 145 21.79 -40.96 23.95
N ALA D 146 21.93 -41.84 22.96
CA ALA D 146 21.87 -43.28 23.22
C ALA D 146 23.01 -43.71 24.14
N VAL D 147 22.67 -44.53 25.13
CA VAL D 147 23.67 -44.98 26.11
C VAL D 147 23.09 -46.19 26.84
N THR D 148 23.96 -47.15 27.15
CA THR D 148 23.58 -48.39 27.81
C THR D 148 24.36 -48.52 29.12
N VAL D 149 23.63 -48.79 30.21
CA VAL D 149 24.20 -48.88 31.56
C VAL D 149 24.09 -50.32 32.04
N ALA D 150 25.18 -50.85 32.57
CA ALA D 150 25.22 -52.19 33.12
C ALA D 150 25.91 -52.16 34.48
N TRP D 151 25.30 -52.82 35.46
CA TRP D 151 25.85 -52.93 36.81
C TRP D 151 26.45 -54.31 37.01
N LYS D 152 27.58 -54.36 37.74
CA LYS D 152 28.27 -55.61 38.03
C LYS D 152 28.61 -55.68 39.50
N ALA D 153 28.30 -56.82 40.12
CA ALA D 153 28.77 -57.15 41.46
C ALA D 153 30.00 -58.03 41.31
N ASP D 154 31.16 -57.50 41.70
CA ASP D 154 32.45 -58.09 41.33
C ASP D 154 32.53 -58.15 39.82
N SER D 155 32.50 -59.36 39.23
CA SER D 155 32.55 -59.51 37.79
C SER D 155 31.27 -60.12 37.21
N SER D 156 30.25 -60.40 38.05
CA SER D 156 28.98 -60.98 37.60
C SER D 156 27.90 -59.89 37.51
N PRO D 157 26.98 -60.01 36.56
CA PRO D 157 25.98 -58.95 36.37
C PRO D 157 24.97 -58.91 37.52
N VAL D 158 24.41 -57.72 37.74
CA VAL D 158 23.42 -57.48 38.78
C VAL D 158 22.04 -57.41 38.13
N LYS D 159 21.08 -58.14 38.71
CA LYS D 159 19.77 -58.32 38.09
C LYS D 159 18.84 -57.14 38.32
N ALA D 160 18.38 -56.96 39.56
CA ALA D 160 17.32 -56.01 39.90
C ALA D 160 17.86 -54.93 40.82
N GLY D 161 16.94 -54.06 41.24
CA GLY D 161 17.32 -52.88 41.99
C GLY D 161 17.97 -51.80 41.15
N VAL D 162 17.74 -51.79 39.85
CA VAL D 162 18.38 -50.86 38.92
C VAL D 162 17.30 -49.95 38.35
N GLU D 163 17.46 -48.64 38.57
CA GLU D 163 16.60 -47.62 37.98
C GLU D 163 17.48 -46.66 37.19
N THR D 164 17.07 -46.36 35.96
CA THR D 164 17.87 -45.56 35.05
C THR D 164 16.99 -44.54 34.35
N THR D 165 17.48 -43.30 34.27
CA THR D 165 16.77 -42.24 33.56
C THR D 165 16.72 -42.52 32.06
N THR D 166 15.83 -41.80 31.39
CA THR D 166 15.99 -41.59 29.96
C THR D 166 16.91 -40.39 29.73
N PRO D 167 17.91 -40.51 28.86
CA PRO D 167 18.85 -39.40 28.68
C PRO D 167 18.16 -38.14 28.17
N SER D 168 18.52 -37.00 28.77
CA SER D 168 17.94 -35.71 28.42
C SER D 168 19.05 -34.67 28.27
N LYS D 169 18.74 -33.59 27.55
CA LYS D 169 19.74 -32.57 27.23
C LYS D 169 19.93 -31.58 28.37
N GLN D 170 21.16 -31.12 28.54
CA GLN D 170 21.52 -30.14 29.55
C GLN D 170 21.73 -28.78 28.89
N SER D 171 22.33 -27.84 29.63
CA SER D 171 22.39 -26.47 29.16
C SER D 171 23.29 -26.30 27.93
N ASN D 172 24.36 -27.10 27.83
CA ASN D 172 25.29 -26.97 26.70
C ASN D 172 24.95 -27.94 25.57
N ASN D 173 23.68 -28.29 25.41
CA ASN D 173 23.18 -29.11 24.30
C ASN D 173 23.80 -30.51 24.29
N LYS D 174 24.22 -31.01 25.45
CA LYS D 174 24.68 -32.38 25.59
C LYS D 174 23.72 -33.14 26.50
N TYR D 175 23.85 -34.46 26.50
CA TYR D 175 22.92 -35.31 27.23
C TYR D 175 23.46 -35.67 28.62
N ALA D 176 22.54 -36.00 29.51
CA ALA D 176 22.87 -36.44 30.86
C ALA D 176 21.91 -37.53 31.30
N ALA D 177 22.43 -38.53 31.99
CA ALA D 177 21.59 -39.61 32.49
C ALA D 177 22.16 -40.10 33.81
N SER D 178 21.35 -40.87 34.54
CA SER D 178 21.78 -41.39 35.83
C SER D 178 21.15 -42.75 36.05
N SER D 179 21.84 -43.59 36.82
CA SER D 179 21.34 -44.92 37.17
C SER D 179 21.56 -45.17 38.65
N TYR D 180 20.57 -45.79 39.30
CA TYR D 180 20.58 -46.05 40.73
C TYR D 180 20.49 -47.54 40.98
N LEU D 181 21.39 -48.07 41.80
CA LEU D 181 21.37 -49.46 42.22
C LEU D 181 20.95 -49.54 43.69
N SER D 182 19.83 -50.19 43.95
CA SER D 182 19.36 -50.39 45.31
C SER D 182 19.90 -51.71 45.85
N LEU D 183 20.40 -51.68 47.08
CA LEU D 183 20.96 -52.86 47.74
C LEU D 183 20.63 -52.82 49.21
N THR D 184 20.58 -54.01 49.83
CA THR D 184 20.57 -54.02 51.27
C THR D 184 22.00 -53.82 51.79
N PRO D 185 22.16 -53.21 52.95
CA PRO D 185 23.52 -53.03 53.50
C PRO D 185 24.31 -54.33 53.58
N GLU D 186 23.62 -55.46 53.77
CA GLU D 186 24.31 -56.75 53.79
C GLU D 186 24.86 -57.11 52.42
N GLN D 187 24.07 -56.88 51.36
CA GLN D 187 24.53 -57.18 50.01
C GLN D 187 25.70 -56.31 49.61
N TRP D 188 25.65 -55.02 49.97
CA TRP D 188 26.72 -54.09 49.61
C TRP D 188 28.06 -54.55 50.15
N LYS D 189 28.09 -54.99 51.41
CA LYS D 189 29.34 -55.42 52.02
C LYS D 189 29.69 -56.87 51.72
N SER D 190 28.85 -57.60 50.98
CA SER D 190 29.13 -59.00 50.70
C SER D 190 30.14 -59.16 49.57
N HIS D 191 30.08 -58.29 48.57
CA HIS D 191 30.98 -58.38 47.42
C HIS D 191 32.16 -57.44 47.59
N ARG D 192 33.22 -57.72 46.83
CA ARG D 192 34.44 -56.94 46.94
C ARG D 192 34.30 -55.58 46.27
N SER D 193 33.51 -55.50 45.19
CA SER D 193 33.33 -54.24 44.50
C SER D 193 32.05 -54.29 43.68
N TYR D 194 31.58 -53.09 43.30
CA TYR D 194 30.48 -52.93 42.37
C TYR D 194 30.94 -52.00 41.24
N SER D 195 30.43 -52.25 40.05
CA SER D 195 30.85 -51.53 38.85
C SER D 195 29.64 -50.97 38.11
N CYS D 196 29.85 -49.80 37.51
CA CYS D 196 28.87 -49.18 36.62
C CYS D 196 29.49 -49.11 35.24
N GLN D 197 28.95 -49.86 34.28
CA GLN D 197 29.47 -49.90 32.92
C GLN D 197 28.59 -49.04 32.02
N VAL D 198 29.17 -47.98 31.48
CA VAL D 198 28.47 -47.05 30.62
C VAL D 198 28.99 -47.25 29.20
N THR D 199 28.15 -47.79 28.33
CA THR D 199 28.52 -48.05 26.95
C THR D 199 27.81 -47.04 26.05
N HIS D 200 28.58 -46.29 25.28
CA HIS D 200 28.07 -45.22 24.42
C HIS D 200 28.84 -45.19 23.12
N GLU D 201 28.16 -45.44 22.01
CA GLU D 201 28.76 -45.41 20.67
C GLU D 201 29.96 -46.36 20.58
N GLY D 202 29.78 -47.57 21.10
CA GLY D 202 30.78 -48.61 20.99
C GLY D 202 31.96 -48.51 21.93
N SER D 203 32.01 -47.49 22.79
CA SER D 203 33.07 -47.36 23.77
C SER D 203 32.46 -47.40 25.18
N THR D 204 33.16 -48.08 26.09
CA THR D 204 32.63 -48.36 27.42
C THR D 204 33.45 -47.65 28.48
N VAL D 205 32.75 -47.02 29.43
CA VAL D 205 33.36 -46.41 30.60
C VAL D 205 32.90 -47.20 31.83
N GLU D 206 33.86 -47.56 32.69
CA GLU D 206 33.58 -48.41 33.84
C GLU D 206 34.18 -47.77 35.10
N LYS D 207 33.31 -47.41 36.04
CA LYS D 207 33.72 -46.91 37.34
C LYS D 207 33.37 -47.93 38.41
N THR D 208 34.17 -47.95 39.48
CA THR D 208 34.07 -49.02 40.47
C THR D 208 34.20 -48.47 41.87
N VAL D 209 33.35 -48.96 42.78
CA VAL D 209 33.42 -48.61 44.20
C VAL D 209 33.44 -49.88 45.03
N ALA D 210 33.99 -49.76 46.23
CA ALA D 210 34.18 -50.89 47.13
C ALA D 210 33.79 -50.50 48.55
N PRO D 211 33.27 -51.45 49.34
CA PRO D 211 32.90 -51.14 50.73
C PRO D 211 34.11 -50.78 51.57
N THR D 212 35.15 -51.61 51.47
CA THR D 212 36.33 -51.42 52.30
C THR D 212 37.14 -50.21 51.85
N GLU D 213 37.29 -50.04 50.54
CA GLU D 213 38.05 -48.92 50.00
C GLU D 213 37.25 -47.62 50.09
N GLU E 1 13.29 -5.29 34.45
CA GLU E 1 12.92 -6.11 33.29
C GLU E 1 11.48 -6.57 33.39
N VAL E 2 10.90 -6.94 32.25
CA VAL E 2 9.56 -7.51 32.22
C VAL E 2 9.61 -8.95 32.71
N GLN E 3 8.68 -9.31 33.59
CA GLN E 3 8.77 -10.58 34.27
C GLN E 3 7.37 -11.12 34.57
N LEU E 4 7.25 -12.45 34.53
CA LEU E 4 6.04 -13.14 34.95
C LEU E 4 6.45 -14.36 35.77
N LEU E 5 5.90 -14.50 36.97
CA LEU E 5 6.21 -15.62 37.85
C LEU E 5 4.92 -16.31 38.26
N GLU E 6 4.87 -17.63 38.04
CA GLU E 6 3.73 -18.43 38.45
C GLU E 6 3.97 -19.04 39.83
N THR E 7 2.89 -19.14 40.62
CA THR E 7 2.91 -19.85 41.89
C THR E 7 1.63 -20.65 42.02
N GLY E 8 1.62 -21.59 42.96
CA GLY E 8 0.42 -22.33 43.29
C GLY E 8 0.32 -23.75 42.73
N GLY E 9 1.34 -24.23 42.03
CA GLY E 9 1.31 -25.60 41.55
C GLY E 9 1.43 -26.60 42.68
N GLY E 10 1.22 -27.87 42.34
CA GLY E 10 1.40 -28.94 43.32
C GLY E 10 0.56 -30.16 42.97
N LEU E 11 0.20 -30.91 44.01
CA LEU E 11 -0.53 -32.16 43.88
C LEU E 11 -2.02 -31.94 44.16
N VAL E 12 -2.86 -32.73 43.49
CA VAL E 12 -4.30 -32.60 43.61
C VAL E 12 -4.95 -33.87 43.09
N GLN E 13 -5.98 -34.34 43.81
CA GLN E 13 -6.67 -35.56 43.43
C GLN E 13 -7.71 -35.28 42.34
N PRO E 14 -8.02 -36.28 41.51
CA PRO E 14 -9.01 -36.07 40.45
C PRO E 14 -10.35 -35.63 41.02
N GLY E 15 -10.94 -34.60 40.40
CA GLY E 15 -12.17 -34.01 40.87
C GLY E 15 -12.00 -32.83 41.79
N ARG E 16 -10.82 -32.66 42.38
CA ARG E 16 -10.57 -31.60 43.34
C ARG E 16 -10.18 -30.31 42.62
N SER E 17 -9.82 -29.28 43.37
CA SER E 17 -9.55 -27.96 42.83
C SER E 17 -8.15 -27.50 43.20
N LEU E 18 -7.62 -26.57 42.40
CA LEU E 18 -6.33 -25.95 42.66
C LEU E 18 -6.33 -24.58 42.00
N ARG E 19 -5.62 -23.63 42.62
CA ARG E 19 -5.60 -22.25 42.16
C ARG E 19 -4.19 -21.82 41.83
N LEU E 20 -3.99 -21.28 40.63
CA LEU E 20 -2.71 -20.78 40.17
C LEU E 20 -2.69 -19.26 40.21
N SER E 21 -1.50 -18.70 40.41
CA SER E 21 -1.31 -17.26 40.45
C SER E 21 -0.13 -16.87 39.58
N CYS E 22 -0.22 -15.69 38.98
CA CYS E 22 0.82 -15.16 38.12
C CYS E 22 1.11 -13.73 38.52
N ALA E 23 2.34 -13.46 38.95
CA ALA E 23 2.77 -12.13 39.35
C ALA E 23 3.49 -11.45 38.20
N ALA E 24 3.19 -10.17 38.00
CA ALA E 24 3.70 -9.41 36.88
C ALA E 24 4.45 -8.19 37.36
N SER E 25 5.52 -7.84 36.67
CA SER E 25 6.34 -6.69 37.03
C SER E 25 7.12 -6.22 35.81
N GLY E 26 7.57 -4.97 35.87
CA GLY E 26 8.37 -4.39 34.81
C GLY E 26 7.58 -3.83 33.66
N PHE E 27 6.26 -3.85 33.72
CA PHE E 27 5.41 -3.35 32.65
C PHE E 27 4.08 -2.94 33.26
N PRO E 28 3.31 -2.09 32.56
CA PRO E 28 2.01 -1.69 33.12
C PRO E 28 0.95 -2.77 32.97
N PHE E 29 0.85 -3.63 33.99
CA PHE E 29 -0.15 -4.70 34.03
C PHE E 29 -1.55 -4.18 33.76
N ASP E 30 -1.82 -2.92 34.13
CA ASP E 30 -3.17 -2.38 34.12
C ASP E 30 -3.79 -2.31 32.72
N ASP E 31 -2.98 -2.38 31.66
CA ASP E 31 -3.55 -2.23 30.33
C ASP E 31 -3.02 -3.28 29.35
N TYR E 32 -2.61 -4.44 29.84
CA TYR E 32 -2.24 -5.56 29.01
C TYR E 32 -3.23 -6.71 29.20
N ALA E 33 -3.25 -7.61 28.23
CA ALA E 33 -3.96 -8.87 28.37
C ALA E 33 -2.95 -9.99 28.62
N ILE E 34 -3.35 -10.98 29.40
CA ILE E 34 -2.47 -12.09 29.75
C ILE E 34 -3.16 -13.41 29.41
N HIS E 35 -2.35 -14.44 29.17
CA HIS E 35 -2.83 -15.74 28.75
C HIS E 35 -2.15 -16.84 29.57
N TRP E 36 -2.82 -17.99 29.66
CA TRP E 36 -2.26 -19.20 30.25
C TRP E 36 -2.05 -20.23 29.16
N VAL E 37 -0.86 -20.83 29.13
CA VAL E 37 -0.52 -21.88 28.19
C VAL E 37 0.11 -23.03 28.98
N ARG E 38 -0.35 -24.25 28.74
CA ARG E 38 0.12 -25.41 29.46
C ARG E 38 0.91 -26.32 28.54
N LEU E 39 1.82 -27.09 29.13
CA LEU E 39 2.67 -28.04 28.40
C LEU E 39 2.51 -29.40 29.08
N ALA E 40 1.62 -30.24 28.52
CA ALA E 40 1.41 -31.56 29.08
C ALA E 40 2.53 -32.51 28.65
N PRO E 41 2.91 -33.44 29.51
CA PRO E 41 3.96 -34.40 29.14
C PRO E 41 3.53 -35.21 27.92
N GLY E 42 4.48 -35.37 26.99
CA GLY E 42 4.17 -36.11 25.78
C GLY E 42 3.28 -35.37 24.80
N LYS E 43 3.01 -34.09 25.04
CA LYS E 43 2.18 -33.29 24.15
C LYS E 43 2.82 -31.92 23.97
N GLY E 44 2.23 -31.14 23.06
CA GLY E 44 2.74 -29.81 22.77
C GLY E 44 2.06 -28.74 23.58
N LEU E 45 2.48 -27.49 23.33
CA LEU E 45 1.85 -26.36 23.98
C LEU E 45 0.37 -26.33 23.67
N GLU E 46 -0.43 -25.98 24.67
CA GLU E 46 -1.88 -25.89 24.51
C GLU E 46 -2.34 -24.60 25.16
N TRP E 47 -3.01 -23.74 24.39
CA TRP E 47 -3.60 -22.54 24.95
C TRP E 47 -4.74 -22.91 25.88
N VAL E 48 -4.83 -22.20 27.00
CA VAL E 48 -5.80 -22.51 28.05
C VAL E 48 -6.84 -21.40 28.20
N SER E 49 -6.40 -20.17 28.44
CA SER E 49 -7.34 -19.08 28.71
C SER E 49 -6.67 -17.75 28.44
N SER E 50 -7.52 -16.74 28.19
CA SER E 50 -7.10 -15.36 28.00
C SER E 50 -8.03 -14.45 28.78
N ILE E 51 -7.54 -13.26 29.14
CA ILE E 51 -8.36 -12.25 29.80
C ILE E 51 -7.82 -10.87 29.42
N SER E 52 -8.73 -9.97 29.06
CA SER E 52 -8.35 -8.61 28.65
C SER E 52 -7.97 -7.78 29.88
N TRP E 53 -7.60 -6.52 29.63
CA TRP E 53 -7.12 -5.67 30.72
C TRP E 53 -8.22 -5.40 31.75
N ASP E 54 -9.45 -5.20 31.30
CA ASP E 54 -10.56 -4.88 32.19
C ASP E 54 -11.45 -6.09 32.48
N SER E 55 -10.98 -7.29 32.16
CA SER E 55 -11.74 -8.53 32.34
C SER E 55 -13.02 -8.54 31.51
N GLY E 56 -13.11 -7.68 30.50
CA GLY E 56 -14.32 -7.61 29.70
C GLY E 56 -14.40 -8.72 28.68
N SER E 57 -13.26 -9.26 28.25
CA SER E 57 -13.19 -10.32 27.27
C SER E 57 -12.43 -11.49 27.88
N ILE E 58 -13.08 -12.66 27.92
CA ILE E 58 -12.52 -13.85 28.53
C ILE E 58 -12.75 -15.01 27.57
N GLY E 59 -11.68 -15.75 27.28
CA GLY E 59 -11.79 -16.91 26.42
C GLY E 59 -11.19 -18.15 27.08
N TYR E 60 -11.76 -19.30 26.72
CA TYR E 60 -11.34 -20.59 27.25
C TYR E 60 -11.21 -21.59 26.12
N ALA E 61 -10.24 -22.50 26.26
CA ALA E 61 -10.18 -23.64 25.36
C ALA E 61 -11.34 -24.58 25.65
N ASP E 62 -11.76 -25.33 24.63
CA ASP E 62 -12.91 -26.22 24.78
C ASP E 62 -12.63 -27.38 25.72
N SER E 63 -11.37 -27.73 25.94
CA SER E 63 -11.06 -28.82 26.86
C SER E 63 -11.25 -28.41 28.31
N VAL E 64 -11.13 -27.12 28.61
CA VAL E 64 -11.23 -26.62 29.98
C VAL E 64 -12.47 -25.77 30.19
N LYS E 65 -13.27 -25.53 29.15
CA LYS E 65 -14.43 -24.67 29.30
C LYS E 65 -15.41 -25.27 30.31
N GLY E 66 -15.92 -24.42 31.20
CA GLY E 66 -16.83 -24.86 32.23
C GLY E 66 -16.17 -25.35 33.50
N ARG E 67 -14.87 -25.61 33.47
CA ARG E 67 -14.12 -26.11 34.61
C ARG E 67 -13.10 -25.11 35.14
N PHE E 68 -12.52 -24.28 34.28
CA PHE E 68 -11.55 -23.29 34.68
C PHE E 68 -12.19 -21.91 34.72
N THR E 69 -11.66 -21.05 35.58
CA THR E 69 -12.11 -19.66 35.64
C THR E 69 -10.88 -18.77 35.76
N ILE E 70 -10.79 -17.79 34.88
CA ILE E 70 -9.68 -16.85 34.88
C ILE E 70 -10.16 -15.53 35.48
N SER E 71 -9.26 -14.83 36.14
CA SER E 71 -9.59 -13.59 36.84
C SER E 71 -8.30 -12.86 37.13
N ARG E 72 -8.41 -11.56 37.39
CA ARG E 72 -7.24 -10.73 37.62
C ARG E 72 -7.54 -9.67 38.65
N ASP E 73 -6.47 -9.16 39.27
CA ASP E 73 -6.56 -8.07 40.24
C ASP E 73 -5.47 -7.06 39.86
N ASN E 74 -5.87 -6.01 39.14
CA ASN E 74 -4.89 -5.07 38.61
C ASN E 74 -4.17 -4.28 39.70
N ALA E 75 -4.79 -4.15 40.88
CA ALA E 75 -4.14 -3.43 41.97
C ALA E 75 -2.97 -4.22 42.54
N LYS E 76 -3.01 -5.55 42.45
CA LYS E 76 -1.93 -6.39 42.91
C LYS E 76 -1.05 -6.90 41.78
N ASN E 77 -1.33 -6.49 40.54
CA ASN E 77 -0.58 -6.92 39.36
C ASN E 77 -0.51 -8.43 39.27
N SER E 78 -1.68 -9.07 39.43
CA SER E 78 -1.77 -10.52 39.58
C SER E 78 -2.89 -11.09 38.73
N LEU E 79 -2.65 -12.28 38.19
CA LEU E 79 -3.59 -13.01 37.37
C LEU E 79 -3.78 -14.40 37.96
N TYR E 80 -5.03 -14.87 37.99
CA TYR E 80 -5.37 -16.12 38.66
C TYR E 80 -6.06 -17.07 37.69
N LEU E 81 -5.94 -18.37 37.98
CA LEU E 81 -6.62 -19.40 37.20
C LEU E 81 -7.16 -20.44 38.17
N GLN E 82 -8.47 -20.43 38.38
CA GLN E 82 -9.13 -21.39 39.25
C GLN E 82 -9.46 -22.65 38.45
N MET E 83 -8.83 -23.77 38.81
CA MET E 83 -8.99 -25.02 38.09
C MET E 83 -9.82 -25.98 38.95
N ASN E 84 -11.06 -26.23 38.51
CA ASN E 84 -11.97 -27.14 39.20
C ASN E 84 -12.16 -28.40 38.38
N SER E 85 -12.56 -29.47 39.07
CA SER E 85 -12.87 -30.76 38.44
C SER E 85 -11.68 -31.26 37.61
N LEU E 86 -10.52 -31.30 38.24
CA LEU E 86 -9.30 -31.65 37.53
C LEU E 86 -9.26 -33.12 37.15
N ARG E 87 -8.85 -33.39 35.92
CA ARG E 87 -8.72 -34.73 35.38
C ARG E 87 -7.25 -35.07 35.20
N ALA E 88 -6.99 -36.33 34.85
CA ALA E 88 -5.61 -36.76 34.60
C ALA E 88 -5.00 -36.01 33.43
N GLU E 89 -5.81 -35.70 32.41
CA GLU E 89 -5.29 -34.99 31.24
C GLU E 89 -4.87 -33.57 31.57
N ASP E 90 -5.28 -33.05 32.72
CA ASP E 90 -4.95 -31.70 33.12
C ASP E 90 -3.57 -31.58 33.76
N THR E 91 -2.85 -32.69 33.93
CA THR E 91 -1.49 -32.65 34.45
C THR E 91 -0.58 -32.01 33.42
N ALA E 92 -0.02 -30.85 33.75
CA ALA E 92 0.83 -30.14 32.80
C ALA E 92 1.61 -29.07 33.55
N LEU E 93 2.53 -28.43 32.82
CA LEU E 93 3.27 -27.28 33.31
C LEU E 93 2.60 -26.02 32.78
N TYR E 94 2.12 -25.18 33.69
CA TYR E 94 1.24 -24.07 33.33
C TYR E 94 2.02 -22.76 33.25
N TYR E 95 2.01 -22.15 32.07
CA TYR E 95 2.76 -20.94 31.80
C TYR E 95 1.86 -19.71 31.86
N CYS E 96 2.48 -18.58 32.15
CA CYS E 96 1.85 -17.27 32.13
C CYS E 96 2.59 -16.45 31.09
N ALA E 97 1.90 -16.02 30.04
CA ALA E 97 2.56 -15.36 28.91
C ALA E 97 1.76 -14.17 28.43
N LYS E 98 2.46 -13.23 27.80
CA LYS E 98 1.85 -12.00 27.29
C LYS E 98 2.55 -11.60 26.01
N GLY E 99 1.97 -10.60 25.34
CA GLY E 99 2.57 -10.02 24.16
C GLY E 99 3.30 -8.72 24.48
N ALA E 100 4.05 -8.24 23.48
CA ALA E 100 4.81 -7.01 23.67
C ALA E 100 3.90 -5.79 23.74
N PHE E 101 2.75 -5.84 23.10
CA PHE E 101 1.84 -4.71 22.97
C PHE E 101 0.57 -4.93 23.78
N PRO E 102 -0.07 -3.86 24.22
CA PRO E 102 -1.45 -3.98 24.71
C PRO E 102 -2.41 -4.40 23.60
N GLY E 103 -3.51 -5.01 24.01
CA GLY E 103 -4.48 -5.54 23.07
C GLY E 103 -4.85 -6.98 23.35
N TYR E 104 -6.15 -7.30 23.31
CA TYR E 104 -6.61 -8.63 23.72
C TYR E 104 -6.00 -9.71 22.85
N SER E 105 -6.11 -9.57 21.53
CA SER E 105 -5.59 -10.56 20.60
C SER E 105 -4.22 -10.20 20.06
N SER E 106 -3.60 -9.14 20.55
CA SER E 106 -2.31 -8.72 20.01
C SER E 106 -1.20 -9.71 20.32
N GLY E 107 -1.36 -10.53 21.37
CA GLY E 107 -0.42 -11.60 21.61
C GLY E 107 -0.47 -12.67 20.53
N TRP E 108 -1.61 -12.83 19.87
CA TRP E 108 -1.68 -13.74 18.73
C TRP E 108 -1.15 -13.08 17.48
N TYR E 109 -1.39 -11.77 17.33
CA TYR E 109 -0.98 -11.05 16.13
C TYR E 109 0.54 -10.96 16.02
N TYR E 110 1.19 -10.53 17.11
CA TYR E 110 2.62 -10.28 17.11
C TYR E 110 3.42 -11.27 17.94
N GLY E 111 2.78 -12.24 18.56
CA GLY E 111 3.51 -13.27 19.28
C GLY E 111 3.55 -13.02 20.78
N LEU E 112 3.69 -14.12 21.53
CA LEU E 112 3.87 -14.06 22.98
C LEU E 112 5.38 -14.02 23.26
N ASP E 113 5.88 -12.86 23.67
CA ASP E 113 7.33 -12.67 23.75
C ASP E 113 7.88 -12.79 25.16
N VAL E 114 7.04 -12.70 26.19
CA VAL E 114 7.49 -12.85 27.57
C VAL E 114 6.67 -13.96 28.22
N TRP E 115 7.36 -15.00 28.67
CA TRP E 115 6.75 -16.14 29.35
C TRP E 115 7.29 -16.23 30.77
N GLY E 116 6.53 -16.92 31.62
CA GLY E 116 7.02 -17.29 32.92
C GLY E 116 7.82 -18.58 32.88
N GLN E 117 8.33 -18.97 34.03
CA GLN E 117 9.04 -20.25 34.12
C GLN E 117 8.09 -21.43 34.20
N GLY E 118 6.87 -21.22 34.69
CA GLY E 118 5.87 -22.26 34.75
C GLY E 118 5.66 -22.80 36.16
N ALA E 119 4.51 -23.47 36.34
CA ALA E 119 4.15 -24.05 37.62
C ALA E 119 3.60 -25.45 37.39
N THR E 120 4.27 -26.46 37.92
CA THR E 120 3.87 -27.83 37.70
C THR E 120 2.61 -28.16 38.49
N VAL E 121 1.63 -28.75 37.82
CA VAL E 121 0.38 -29.20 38.43
C VAL E 121 0.23 -30.67 38.13
N THR E 122 0.18 -31.50 39.17
CA THR E 122 0.12 -32.94 39.04
C THR E 122 -1.20 -33.44 39.60
N VAL E 123 -2.01 -34.08 38.74
CA VAL E 123 -3.32 -34.59 39.11
C VAL E 123 -3.18 -36.11 39.28
N SER E 124 -3.21 -36.56 40.54
CA SER E 124 -3.04 -37.98 40.83
C SER E 124 -3.64 -38.28 42.20
N SER E 125 -4.15 -39.51 42.34
CA SER E 125 -4.66 -39.97 43.62
C SER E 125 -3.56 -40.38 44.58
N ALA E 126 -2.34 -40.57 44.10
CA ALA E 126 -1.24 -40.90 44.99
C ALA E 126 -0.98 -39.75 45.96
N SER E 127 -0.54 -40.10 47.17
CA SER E 127 -0.35 -39.13 48.24
C SER E 127 1.07 -38.57 48.22
N THR E 128 1.23 -37.42 48.87
CA THR E 128 2.53 -36.77 48.93
C THR E 128 3.51 -37.61 49.75
N LYS E 129 4.79 -37.53 49.40
CA LYS E 129 5.83 -38.25 50.10
C LYS E 129 7.11 -37.43 50.04
N GLY E 130 7.63 -37.06 51.21
CA GLY E 130 8.83 -36.26 51.29
C GLY E 130 10.08 -37.08 51.09
N PRO E 131 11.14 -36.44 50.60
CA PRO E 131 12.37 -37.18 50.30
C PRO E 131 13.32 -37.29 51.48
N SER E 132 14.20 -38.27 51.39
CA SER E 132 15.34 -38.40 52.29
C SER E 132 16.58 -37.87 51.57
N VAL E 133 17.31 -36.99 52.23
CA VAL E 133 18.51 -36.39 51.66
C VAL E 133 19.73 -37.01 52.31
N PHE E 134 20.58 -37.64 51.50
CA PHE E 134 21.84 -38.21 51.94
C PHE E 134 22.99 -37.50 51.25
N PRO E 135 24.10 -37.28 51.95
CA PRO E 135 25.25 -36.62 51.32
C PRO E 135 26.07 -37.60 50.50
N LEU E 136 26.63 -37.09 49.41
CA LEU E 136 27.53 -37.87 48.54
C LEU E 136 28.93 -37.32 48.74
N ALA E 137 29.72 -37.98 49.59
CA ALA E 137 31.00 -37.43 49.98
C ALA E 137 32.02 -37.61 48.86
N PRO E 138 32.95 -36.66 48.69
CA PRO E 138 33.94 -36.79 47.62
C PRO E 138 35.08 -37.72 48.03
N SER E 139 35.51 -38.54 47.07
CA SER E 139 36.61 -39.48 47.30
C SER E 139 37.74 -39.27 46.30
N GLY E 146 43.10 -32.26 39.52
CA GLY E 146 43.06 -31.48 40.75
C GLY E 146 41.67 -31.03 41.14
N THR E 147 40.66 -31.79 40.74
CA THR E 147 39.27 -31.49 41.06
C THR E 147 38.63 -32.70 41.74
N ALA E 148 37.49 -32.45 42.38
CA ALA E 148 36.74 -33.51 43.04
C ALA E 148 35.26 -33.21 42.91
N ALA E 149 34.45 -34.28 42.85
CA ALA E 149 33.02 -34.17 42.67
C ALA E 149 32.32 -34.64 43.94
N LEU E 150 31.45 -33.79 44.48
CA LEU E 150 30.61 -34.14 45.61
C LEU E 150 29.17 -33.79 45.27
N GLY E 151 28.25 -34.25 46.12
CA GLY E 151 26.86 -33.99 45.89
C GLY E 151 26.00 -34.47 47.03
N CYS E 152 24.70 -34.55 46.78
CA CYS E 152 23.78 -35.11 47.75
C CYS E 152 22.60 -35.75 47.02
N LEU E 153 22.09 -36.82 47.61
CA LEU E 153 21.09 -37.68 46.98
C LEU E 153 19.71 -37.39 47.57
N VAL E 154 18.75 -37.11 46.69
CA VAL E 154 17.37 -36.83 47.08
C VAL E 154 16.55 -38.05 46.68
N LYS E 155 16.34 -38.95 47.63
CA LYS E 155 15.83 -40.29 47.36
C LYS E 155 14.37 -40.42 47.77
N ASP E 156 13.57 -41.07 46.90
CA ASP E 156 12.21 -41.48 47.19
C ASP E 156 11.30 -40.32 47.58
N TYR E 157 10.76 -39.61 46.60
CA TYR E 157 9.81 -38.53 46.84
C TYR E 157 8.75 -38.53 45.76
N PHE E 158 7.66 -37.80 46.04
CA PHE E 158 6.54 -37.69 45.12
C PHE E 158 5.69 -36.51 45.57
N PRO E 159 5.23 -35.65 44.65
CA PRO E 159 5.53 -35.74 43.23
C PRO E 159 6.66 -34.81 42.80
N GLU E 160 6.85 -34.69 41.49
CA GLU E 160 7.76 -33.70 40.96
C GLU E 160 7.20 -32.30 41.22
N PRO E 161 8.08 -31.29 41.42
CA PRO E 161 9.54 -31.43 41.41
C PRO E 161 10.19 -31.12 42.75
N VAL E 162 11.50 -31.32 42.82
CA VAL E 162 12.33 -30.82 43.90
C VAL E 162 13.27 -29.77 43.32
N THR E 163 13.70 -28.84 44.17
CA THR E 163 14.66 -27.81 43.78
C THR E 163 15.85 -27.89 44.72
N VAL E 164 17.05 -28.04 44.15
CA VAL E 164 18.29 -28.17 44.90
C VAL E 164 19.17 -26.98 44.58
N SER E 165 19.69 -26.34 45.63
CA SER E 165 20.67 -25.27 45.50
C SER E 165 21.81 -25.55 46.48
N TRP E 166 22.96 -24.94 46.22
CA TRP E 166 24.16 -25.16 47.02
C TRP E 166 24.58 -23.85 47.67
N ASN E 167 24.81 -23.91 48.99
CA ASN E 167 25.20 -22.74 49.78
C ASN E 167 24.20 -21.61 49.64
N SER E 168 22.91 -21.96 49.75
CA SER E 168 21.81 -21.01 49.62
C SER E 168 21.86 -20.25 48.30
N GLY E 169 22.29 -20.92 47.24
CA GLY E 169 22.38 -20.32 45.92
C GLY E 169 23.67 -19.60 45.63
N ALA E 170 24.56 -19.47 46.61
CA ALA E 170 25.84 -18.79 46.36
C ALA E 170 26.76 -19.62 45.47
N LEU E 171 26.63 -20.95 45.51
CA LEU E 171 27.45 -21.83 44.69
C LEU E 171 26.64 -22.24 43.46
N THR E 172 26.98 -21.67 42.32
CA THR E 172 26.36 -22.02 41.04
C THR E 172 27.34 -22.53 40.01
N SER E 173 28.63 -22.24 40.15
CA SER E 173 29.63 -22.71 39.20
C SER E 173 29.99 -24.16 39.51
N GLY E 174 30.02 -24.99 38.47
CA GLY E 174 30.33 -26.39 38.65
C GLY E 174 29.17 -27.24 39.16
N VAL E 175 27.98 -26.67 39.29
CA VAL E 175 26.82 -27.38 39.83
C VAL E 175 26.03 -27.99 38.68
N HIS E 176 25.70 -29.27 38.83
CA HIS E 176 24.83 -29.98 37.88
C HIS E 176 23.83 -30.79 38.68
N THR E 177 22.56 -30.42 38.62
CA THR E 177 21.49 -31.20 39.22
C THR E 177 20.81 -32.01 38.13
N PHE E 178 20.78 -33.35 38.30
CA PHE E 178 20.37 -34.29 37.27
C PHE E 178 18.86 -34.48 37.27
N PRO E 179 18.29 -34.83 36.11
CA PRO E 179 16.88 -35.24 36.07
C PRO E 179 16.65 -36.48 36.93
N ALA E 180 15.40 -36.63 37.38
CA ALA E 180 15.06 -37.65 38.35
C ALA E 180 14.59 -38.93 37.66
N VAL E 181 14.82 -40.07 38.34
CA VAL E 181 14.28 -41.35 37.91
C VAL E 181 12.86 -41.50 38.42
N LEU E 182 12.00 -42.08 37.59
CA LEU E 182 10.69 -42.53 38.04
C LEU E 182 10.82 -44.02 38.33
N GLN E 183 11.00 -44.34 39.62
CA GLN E 183 11.28 -45.71 40.01
C GLN E 183 10.03 -46.57 39.90
N SER E 184 10.25 -47.88 39.78
CA SER E 184 9.14 -48.82 39.68
C SER E 184 8.22 -48.71 40.89
N SER E 185 8.75 -48.31 42.04
CA SER E 185 7.93 -48.05 43.21
C SER E 185 7.00 -46.87 43.04
N GLY E 186 7.20 -46.06 41.99
CA GLY E 186 6.40 -44.87 41.78
C GLY E 186 6.99 -43.62 42.38
N LEU E 187 8.08 -43.72 43.14
CA LEU E 187 8.72 -42.57 43.76
C LEU E 187 9.86 -42.07 42.89
N TYR E 188 10.06 -40.76 42.91
CA TYR E 188 11.16 -40.14 42.20
C TYR E 188 12.40 -40.10 43.08
N SER E 189 13.57 -40.21 42.43
CA SER E 189 14.84 -40.01 43.10
C SER E 189 15.73 -39.18 42.19
N LEU E 190 16.52 -38.29 42.78
CA LEU E 190 17.33 -37.36 42.01
C LEU E 190 18.60 -37.07 42.79
N SER E 191 19.66 -36.73 42.07
CA SER E 191 20.95 -36.42 42.67
CA SER E 191 20.94 -36.40 42.69
C SER E 191 21.51 -35.15 42.05
N SER E 192 22.06 -34.28 42.88
CA SER E 192 22.69 -33.04 42.46
C SER E 192 24.15 -33.07 42.86
N VAL E 193 25.03 -32.72 41.92
CA VAL E 193 26.47 -32.82 42.10
C VAL E 193 27.12 -31.50 41.73
N VAL E 194 28.17 -31.14 42.45
CA VAL E 194 28.98 -29.96 42.16
C VAL E 194 30.44 -30.40 42.05
N THR E 195 31.16 -29.82 41.10
CA THR E 195 32.59 -30.07 40.94
C THR E 195 33.36 -28.89 41.51
N VAL E 196 34.22 -29.17 42.48
CA VAL E 196 34.98 -28.12 43.17
C VAL E 196 36.45 -28.49 43.18
N PRO E 197 37.36 -27.52 43.26
CA PRO E 197 38.79 -27.85 43.30
C PRO E 197 39.15 -28.66 44.54
N SER E 198 40.16 -29.53 44.38
CA SER E 198 40.50 -30.49 45.43
C SER E 198 41.03 -29.80 46.68
N SER E 199 41.76 -28.69 46.52
CA SER E 199 42.44 -28.07 47.65
C SER E 199 41.49 -27.37 48.61
N SER E 200 40.24 -27.12 48.20
CA SER E 200 39.29 -26.37 49.03
C SER E 200 38.36 -27.29 49.82
N LEU E 201 38.69 -28.57 49.95
CA LEU E 201 37.79 -29.48 50.65
C LEU E 201 37.82 -29.23 52.16
N GLY E 202 39.01 -29.00 52.71
CA GLY E 202 39.12 -28.68 54.11
C GLY E 202 38.91 -27.22 54.44
N THR E 203 38.55 -26.40 53.46
CA THR E 203 38.40 -24.96 53.64
C THR E 203 36.96 -24.51 53.47
N GLN E 204 36.35 -24.82 52.32
CA GLN E 204 35.00 -24.38 52.01
C GLN E 204 33.97 -25.37 52.55
N THR E 205 32.84 -24.84 52.99
CA THR E 205 31.72 -25.64 53.46
C THR E 205 30.71 -25.79 52.34
N TYR E 206 30.27 -27.02 52.08
CA TYR E 206 29.34 -27.32 51.00
C TYR E 206 28.06 -27.85 51.59
N ILE E 207 26.94 -27.19 51.29
CA ILE E 207 25.64 -27.50 51.87
C ILE E 207 24.60 -27.46 50.75
N CYS E 208 23.94 -28.59 50.52
CA CYS E 208 22.90 -28.64 49.50
C CYS E 208 21.55 -28.33 50.13
N ASN E 209 20.75 -27.52 49.45
CA ASN E 209 19.47 -27.03 49.96
C ASN E 209 18.35 -27.66 49.13
N VAL E 210 17.74 -28.71 49.67
CA VAL E 210 16.66 -29.42 49.00
C VAL E 210 15.34 -28.81 49.42
N ASN E 211 14.44 -28.63 48.46
CA ASN E 211 13.13 -28.05 48.72
C ASN E 211 12.09 -28.83 47.91
N HIS E 212 11.20 -29.53 48.60
CA HIS E 212 10.10 -30.25 47.98
C HIS E 212 8.81 -29.62 48.53
N LYS E 213 8.24 -28.68 47.77
CA LYS E 213 7.12 -27.89 48.26
C LYS E 213 5.85 -28.72 48.50
N PRO E 214 5.53 -29.72 47.66
CA PRO E 214 4.37 -30.57 47.99
C PRO E 214 4.35 -31.08 49.42
N SER E 215 5.48 -31.60 49.92
CA SER E 215 5.54 -32.14 51.27
C SER E 215 6.07 -31.13 52.28
N ASN E 216 6.26 -29.88 51.87
CA ASN E 216 6.78 -28.82 52.73
C ASN E 216 8.16 -29.18 53.29
N THR E 217 8.92 -29.97 52.54
CA THR E 217 10.23 -30.45 52.99
C THR E 217 11.30 -29.43 52.64
N LYS E 218 12.06 -29.00 53.65
CA LYS E 218 13.21 -28.13 53.46
C LYS E 218 14.36 -28.67 54.29
N VAL E 219 15.37 -29.21 53.63
CA VAL E 219 16.50 -29.87 54.28
C VAL E 219 17.79 -29.19 53.84
N ASP E 220 18.67 -28.95 54.80
CA ASP E 220 20.02 -28.43 54.54
C ASP E 220 21.00 -29.48 55.02
N LYS E 221 21.64 -30.19 54.08
CA LYS E 221 22.56 -31.27 54.38
C LYS E 221 23.98 -30.86 54.01
N ARG E 222 24.88 -30.93 54.97
CA ARG E 222 26.28 -30.60 54.74
C ARG E 222 27.02 -31.80 54.17
N VAL E 223 27.75 -31.58 53.10
CA VAL E 223 28.53 -32.64 52.45
C VAL E 223 29.99 -32.39 52.76
N GLU E 224 30.59 -33.27 53.55
CA GLU E 224 31.99 -33.15 53.91
C GLU E 224 32.72 -34.44 53.57
N PRO E 225 34.04 -34.37 53.34
CA PRO E 225 34.79 -35.57 52.96
C PRO E 225 34.70 -36.67 54.01
N LYS E 226 34.95 -37.90 53.57
CA LYS E 226 34.84 -39.08 54.42
C LYS E 226 36.03 -39.22 55.37
C1 NAG F . -11.66 7.31 -11.65
C2 NAG F . -10.39 6.44 -11.64
C3 NAG F . -9.90 6.17 -13.08
C4 NAG F . -11.05 5.72 -13.97
C5 NAG F . -12.20 6.70 -13.85
C6 NAG F . -13.42 6.34 -14.68
C7 NAG F . -9.07 6.76 -9.60
C8 NAG F . -7.95 7.51 -8.96
N2 NAG F . -9.34 7.07 -10.86
O3 NAG F . -8.87 5.19 -13.06
O4 NAG F . -10.59 5.70 -15.32
O5 NAG F . -12.62 6.75 -12.49
O6 NAG F . -13.81 4.99 -14.47
O7 NAG F . -9.71 5.90 -8.99
C1 NAG F . -10.89 4.43 -15.92
C2 NAG F . -10.64 4.50 -17.43
C3 NAG F . -10.94 3.15 -18.07
C4 NAG F . -10.21 2.03 -17.35
C5 NAG F . -10.44 2.09 -15.85
C6 NAG F . -9.61 1.09 -15.07
C7 NAG F . -10.97 6.71 -18.48
C8 NAG F . -11.97 7.65 -19.10
N2 NAG F . -11.46 5.54 -18.06
O3 NAG F . -10.57 3.17 -19.44
O4 NAG F . -10.74 0.79 -17.81
O5 NAG F . -10.09 3.40 -15.35
O6 NAG F . -8.27 1.53 -14.89
O7 NAG F . -9.79 7.01 -18.35
C1 BMA F . -9.79 0.02 -18.57
C2 BMA F . -10.37 -1.37 -18.38
C3 BMA F . -9.94 -2.38 -19.43
C4 BMA F . -9.68 -1.78 -20.83
C5 BMA F . -8.94 -0.46 -20.74
C6 BMA F . -8.70 0.16 -22.10
O2 BMA F . -11.79 -1.29 -18.49
O3 BMA F . -11.00 -3.28 -19.54
O4 BMA F . -8.90 -2.70 -21.60
O5 BMA F . -9.73 0.42 -19.92
O6 BMA F . -9.86 0.91 -22.55
C1 MAN F . -10.58 -4.61 -19.20
C2 MAN F . -10.65 -5.34 -20.56
C3 MAN F . -12.13 -5.52 -21.03
C4 MAN F . -13.15 -5.82 -19.86
C5 MAN F . -12.83 -5.04 -18.55
C6 MAN F . -13.61 -5.56 -17.35
O2 MAN F . -9.90 -6.60 -20.64
O3 MAN F . -12.26 -6.47 -22.08
O4 MAN F . -14.47 -5.48 -20.28
O5 MAN F . -11.43 -5.16 -18.24
O6 MAN F . -13.29 -4.73 -16.23
C1 MAN F . -10.17 -7.60 -19.63
C2 MAN F . -8.97 -7.66 -18.66
C3 MAN F . -7.72 -8.07 -19.44
C4 MAN F . -7.97 -9.34 -20.30
C5 MAN F . -9.25 -9.17 -21.16
C6 MAN F . -9.64 -10.41 -21.94
O2 MAN F . -9.14 -8.66 -17.62
O3 MAN F . -6.59 -8.25 -18.57
O4 MAN F . -6.85 -9.57 -21.16
O5 MAN F . -10.36 -8.83 -20.28
O6 MAN F . -10.47 -9.99 -23.03
C1 MAN F . -10.53 0.36 -23.73
C2 MAN F . -9.58 -0.63 -24.55
C3 MAN F . -8.60 0.08 -25.50
C4 MAN F . -9.27 1.24 -26.26
C5 MAN F . -10.02 2.18 -25.30
C6 MAN F . -10.70 3.33 -26.04
O2 MAN F . -10.34 -1.50 -25.40
O3 MAN F . -8.04 -0.86 -26.41
O4 MAN F . -8.29 2.00 -26.98
O5 MAN F . -11.02 1.43 -24.58
O6 MAN F . -11.36 4.15 -25.09
C1 FUC F . -14.83 4.65 -15.43
C2 FUC F . -15.21 3.17 -15.21
C3 FUC F . -15.89 2.99 -13.84
C4 FUC F . -17.13 3.89 -13.78
C5 FUC F . -16.74 5.33 -14.04
C6 FUC F . -17.95 6.25 -14.19
O2 FUC F . -14.11 2.28 -15.36
O3 FUC F . -16.31 1.64 -13.65
O4 FUC F . -18.07 3.49 -14.77
O5 FUC F . -15.98 5.47 -15.26
C1 GOL G . -9.91 -8.01 -1.58
O1 GOL G . -10.75 -7.89 -2.70
C2 GOL G . -9.40 -9.45 -1.54
O2 GOL G . -10.35 -10.36 -2.02
C3 GOL G . -8.11 -9.45 -2.38
O3 GOL G . -7.34 -10.55 -1.92
C1 GOL H . -22.30 -6.45 -7.70
O1 GOL H . -22.65 -7.69 -7.15
C2 GOL H . -21.13 -6.68 -8.70
O2 GOL H . -20.43 -5.50 -8.99
C3 GOL H . -20.22 -7.77 -8.06
O3 GOL H . -18.96 -7.71 -8.71
C1 GOL I . -13.97 2.05 -9.54
O1 GOL I . -12.63 1.63 -9.51
C2 GOL I . -13.98 3.54 -9.95
O2 GOL I . -15.23 4.13 -9.77
C3 GOL I . -12.90 4.18 -9.07
O3 GOL I . -13.12 5.55 -9.12
S SO4 J . 1.11 12.86 -7.63
O1 SO4 J . 1.03 13.67 -8.84
O2 SO4 J . 0.28 11.66 -7.77
O3 SO4 J . 0.63 13.64 -6.49
O4 SO4 J . 2.50 12.46 -7.42
CL CL K . -15.75 29.44 -19.44
#